data_7KBB
#
_entry.id   7KBB
#
_cell.length_a   1.00
_cell.length_b   1.00
_cell.length_c   1.00
_cell.angle_alpha   90.00
_cell.angle_beta   90.00
_cell.angle_gamma   90.00
#
_symmetry.space_group_name_H-M   'P 1'
#
loop_
_entity.id
_entity.type
_entity.pdbx_description
1 polymer '2-18 Fab Heavy Chain'
2 polymer '2-18 Fab Light Chain'
3 polymer 'Envelope protein UL128'
4 polymer 'Envelope glycoprotein UL130'
5 polymer UL131A
6 polymer '8I21 Fab Heavy Chain'
7 polymer '8I21 Fab Light Chain'
#
loop_
_entity_poly.entity_id
_entity_poly.type
_entity_poly.pdbx_seq_one_letter_code
_entity_poly.pdbx_strand_id
1 'polypeptide(L)'
;EVQLVQSGGGLVQPGGSLRVSCAASGFSFSDHDMDWVRQAPGKGFEWVGRSRNKDYSSTTEYAASVRGRFTISRHTSEDL
LYLELNTVKTEDTAVYFCARGPHHSDRSGYYGGTFDIWGQGTMVTVSSASTKGPSVFPLAPSSKSTSGGTAALGCLVKDY
FPEPVTVSWNSGALTSGVHTFPAVLQSSGLYSLSSVVTVPSSSLGTQTYICNVNHKPSNTKVDKKVEPKSCDKGLEVLFQ
;
A
2 'polypeptide(L)'
;DIQMTQSPSSVSASVGDRVIITCRASQGISSWLAWYQQKPGRAPRLLIYDASTLESGVPSRFSGRGSGTEFTLTINSLQP
EDFATYYCQQGNMFPLTFGGGTKVEIKRTVAAPSVFIFPPSDEQLKSGTASVVCLLNNFYPREAKVQWKVDNALQSGNSQ
ESVTEQDSKDSTYSLSSTLTLSKADYEKHKVYACEVTHQGLSSPVTKSFNRGEC
;
B
3 'polypeptide(L)'
;EECCEFINVNHPPERCYDFKMCNRFTVALRCPDGEVCYSPEKTAEIRGIVTTMTHSLTRQVVHNKLTSCNYNPLYLEADG
RIRCGKVNDKAQYLLGAAGSVPYRWINLEYDKITRIVGLDQYLESVKKHKRLDVCRAKMGYMLQ
;
C
4 'polypeptide(L)'
;SPWSTLTANQNPSPPWSKLTYSKPHDAATFYCPFLYPSPPRSPLQFSGFQQVSTGPECRNETLYLLYNREGQTLVERSST
WVKKVIWYLSGRNQTILQRMPQTASKPSDGNVQISVEDAKIFGAHMVPKQTKLLRFVVNDGTRYQMCVMKLESWAHVFRD
YSVSFQVRLTFTEANNQTYTFCTHPNLIV
;
D
5 'polypeptide(L)'
;QCQRETAEKNDYYRVPHYWDACSRALPDQTRYKYVEQLVDLTLNYHYDASHGLDNFDVLKRINVTEVSLLISDFRRQNRR
GGTNKRTTFNAAGSLAPHARSLEFSVRLFAN
;
E
6 'polypeptide(L)'
;LVELVESGGGVVQPGRSLRLSCAASGFTFSSDGMHWVRQSPGRGLEWVAFISSDGSTPYYADSVKGRFTISRDNSKNTLY
LQMNSLRAEDTAMYFCAKDWALFRWLRTFDHWGQGTLVTVSSASTKGPSVFPLAPSSKSTSGGTAALGCLVKDYFPEPVT
VSWNSGALTSGVHTFPAVLQSSGLYSLSSVVTVPSSSLGTQTYICNVNHKPSNTKVDKKVEPKSCDKGLEVLFQ
;
H
7 'polypeptide(L)'
;ETVMTQSPATLSVSPGGRATLSCRASQSVGINLAWYQQKPGQAPRLLIYGASTRASGFPARFSGSGSGTEFTLTITSLQS
EDFAVYYCQQYNDWPPWTFGQGTKVEIKRTVAAPSVFIFPPSDEQLKSGTASVVCLLNNFYPREAKVQWKVDNALQSGNS
QESVTEQDSKDSTYSLSSTLTLSKADYEKHKVYACEVTHQGLSSPVTKSFNRGEC
;
L
#
# COMPACT_ATOMS: atom_id res chain seq x y z
N VAL A 2 -10.23 24.02 23.29
CA VAL A 2 -9.57 24.42 22.02
C VAL A 2 -8.88 25.76 22.21
N GLN A 3 -7.58 25.82 21.91
CA GLN A 3 -6.83 27.06 22.05
C GLN A 3 -5.77 27.13 20.97
N LEU A 4 -5.39 28.36 20.62
CA LEU A 4 -4.43 28.62 19.56
C LEU A 4 -3.52 29.77 20.01
N VAL A 5 -2.22 29.53 20.06
CA VAL A 5 -1.28 30.51 20.56
C VAL A 5 -0.28 30.84 19.46
N GLN A 6 -0.03 32.13 19.28
CA GLN A 6 0.83 32.61 18.21
C GLN A 6 2.18 33.03 18.76
N SER A 7 3.11 33.18 17.83
CA SER A 7 4.47 33.64 18.05
C SER A 7 5.04 34.19 16.73
N GLY A 8 6.17 34.86 16.84
CA GLY A 8 6.79 35.52 15.72
C GLY A 8 6.27 36.94 15.57
N GLY A 9 6.39 37.45 14.35
CA GLY A 9 5.99 38.79 14.03
C GLY A 9 7.04 39.82 14.41
N GLY A 10 6.61 41.07 14.37
CA GLY A 10 7.41 42.23 14.71
C GLY A 10 7.81 43.04 13.49
N LEU A 11 8.96 43.69 13.60
CA LEU A 11 9.50 44.50 12.52
C LEU A 11 10.22 43.61 11.51
N VAL A 12 10.36 44.11 10.29
CA VAL A 12 11.11 43.39 9.26
C VAL A 12 11.54 44.39 8.18
N GLN A 13 12.85 44.47 7.95
CA GLN A 13 13.41 45.34 6.94
C GLN A 13 12.86 45.03 5.55
N PRO A 14 12.59 46.06 4.73
CA PRO A 14 12.02 45.82 3.40
C PRO A 14 12.80 44.76 2.64
N GLY A 15 12.07 43.83 2.03
CA GLY A 15 12.74 42.76 1.32
C GLY A 15 13.31 41.72 2.25
N GLY A 16 12.98 41.79 3.53
CA GLY A 16 13.47 40.88 4.52
C GLY A 16 12.58 39.67 4.66
N SER A 17 12.74 38.96 5.77
CA SER A 17 11.99 37.75 6.05
C SER A 17 11.41 37.81 7.45
N LEU A 18 10.33 37.07 7.65
CA LEU A 18 9.65 37.06 8.95
C LEU A 18 8.92 35.73 9.10
N ARG A 19 8.95 35.18 10.30
CA ARG A 19 8.28 33.93 10.59
C ARG A 19 7.16 34.20 11.57
N VAL A 20 5.96 33.73 11.25
CA VAL A 20 4.85 33.73 12.19
C VAL A 20 4.49 32.26 12.34
N SER A 21 4.33 31.82 13.58
CA SER A 21 3.95 30.45 13.85
C SER A 21 2.85 30.41 14.90
N CYS A 22 2.18 29.27 14.97
CA CYS A 22 1.15 29.12 15.98
C CYS A 22 1.07 27.65 16.38
N ALA A 23 0.75 27.44 17.65
CA ALA A 23 0.65 26.13 18.25
C ALA A 23 -0.81 25.90 18.62
N ALA A 24 -1.27 24.68 18.36
CA ALA A 24 -2.67 24.30 18.51
C ALA A 24 -2.83 23.31 19.64
N SER A 25 -3.80 23.59 20.52
CA SER A 25 -4.07 22.77 21.67
C SER A 25 -5.58 22.59 21.73
N GLY A 26 -6.03 21.52 22.38
CA GLY A 26 -7.45 21.26 22.49
C GLY A 26 -8.05 20.64 21.26
N PHE A 27 -7.25 20.38 20.24
CA PHE A 27 -7.68 19.69 19.04
C PHE A 27 -6.44 19.07 18.39
N SER A 28 -6.69 18.09 17.53
CA SER A 28 -5.62 17.41 16.80
C SER A 28 -5.13 18.24 15.63
N PHE A 29 -4.03 18.96 15.84
CA PHE A 29 -3.48 19.83 14.81
C PHE A 29 -3.30 19.14 13.47
N SER A 30 -2.94 17.86 13.48
CA SER A 30 -2.77 17.12 12.23
C SER A 30 -4.09 16.93 11.50
N ASP A 31 -5.18 16.71 12.23
CA ASP A 31 -6.45 16.36 11.62
C ASP A 31 -7.24 17.56 11.10
N HIS A 32 -6.68 18.76 11.17
CA HIS A 32 -7.36 19.96 10.69
C HIS A 32 -6.45 20.74 9.76
N ASP A 33 -7.05 21.37 8.76
CA ASP A 33 -6.32 22.27 7.88
C ASP A 33 -6.24 23.63 8.54
N MET A 34 -5.13 24.33 8.33
CA MET A 34 -4.90 25.60 8.99
C MET A 34 -4.50 26.68 7.99
N ASP A 35 -5.30 27.73 7.95
CA ASP A 35 -5.10 28.87 7.05
C ASP A 35 -4.56 30.07 7.82
N TRP A 36 -3.98 30.99 7.07
CA TRP A 36 -3.49 32.26 7.60
C TRP A 36 -4.28 33.41 7.00
N VAL A 37 -4.69 34.37 7.84
CA VAL A 37 -5.46 35.53 7.39
C VAL A 37 -4.81 36.79 7.92
N ARG A 38 -4.77 37.83 7.09
CA ARG A 38 -4.09 39.07 7.42
C ARG A 38 -4.99 40.29 7.32
N GLN A 39 -4.75 41.27 8.20
CA GLN A 39 -5.52 42.50 8.25
C GLN A 39 -4.61 43.71 8.17
N ALA A 40 -4.74 44.51 7.08
CA ALA A 40 -4.02 45.76 6.93
C ALA A 40 -4.69 46.85 7.76
N PRO A 41 -3.94 47.83 8.27
CA PRO A 41 -4.56 48.85 9.12
C PRO A 41 -5.69 49.61 8.43
N GLY A 42 -6.91 49.44 8.89
CA GLY A 42 -8.03 50.15 8.29
C GLY A 42 -8.51 49.56 6.97
N LYS A 43 -8.32 48.27 6.75
CA LYS A 43 -8.73 47.64 5.51
C LYS A 43 -9.39 46.31 5.84
N GLY A 44 -9.90 45.64 4.81
CA GLY A 44 -10.54 44.36 5.03
C GLY A 44 -9.53 43.24 5.12
N PHE A 45 -10.05 42.04 5.39
CA PHE A 45 -9.18 40.88 5.55
C PHE A 45 -8.79 40.32 4.20
N GLU A 46 -7.63 39.68 4.14
CA GLU A 46 -7.16 39.04 2.93
C GLU A 46 -6.58 37.68 3.30
N TRP A 47 -6.90 36.68 2.49
CA TRP A 47 -6.46 35.31 2.73
C TRP A 47 -5.05 35.11 2.20
N VAL A 48 -4.21 34.47 3.00
CA VAL A 48 -2.81 34.23 2.64
C VAL A 48 -2.59 32.81 2.14
N GLY A 49 -3.24 31.83 2.75
CA GLY A 49 -3.03 30.47 2.31
C GLY A 49 -3.55 29.42 3.26
N ARG A 50 -3.44 28.17 2.80
CA ARG A 50 -3.89 26.99 3.53
C ARG A 50 -2.84 25.90 3.57
N SER A 51 -2.80 25.21 4.71
CA SER A 51 -2.03 24.01 4.99
C SER A 51 -3.00 22.84 5.16
N ARG A 52 -2.82 21.78 4.39
CA ARG A 52 -3.78 20.67 4.35
C ARG A 52 -3.72 19.79 5.58
N ASN A 53 -4.78 18.99 5.72
CA ASN A 53 -5.09 18.17 6.89
C ASN A 53 -4.45 16.79 6.92
N LYS A 54 -3.11 16.78 6.83
CA LYS A 54 -2.26 15.58 7.00
C LYS A 54 -2.48 14.47 5.99
N ASP A 55 -3.37 14.63 5.01
CA ASP A 55 -3.56 13.54 4.05
C ASP A 55 -3.08 13.90 2.64
N TYR A 56 -2.44 15.04 2.46
CA TYR A 56 -2.10 15.53 1.13
C TYR A 56 -0.59 15.73 0.97
N SER A 57 -0.12 15.55 -0.28
CA SER A 57 1.29 15.69 -0.59
C SER A 57 1.59 17.12 -1.03
N SER A 58 0.64 17.77 -1.70
CA SER A 58 0.79 19.19 -2.00
C SER A 58 0.05 19.87 -0.85
N THR A 59 0.85 20.42 0.06
CA THR A 59 0.37 20.87 1.36
C THR A 59 0.25 22.38 1.48
N THR A 60 0.27 23.13 0.37
CA THR A 60 0.21 24.58 0.52
C THR A 60 -0.55 25.24 -0.62
N GLU A 61 -1.32 26.26 -0.26
CA GLU A 61 -2.09 27.07 -1.19
C GLU A 61 -1.93 28.53 -0.79
N TYR A 62 -1.76 29.41 -1.78
CA TYR A 62 -1.55 30.84 -1.53
C TYR A 62 -2.40 31.70 -2.46
N ALA A 63 -2.57 32.95 -2.07
CA ALA A 63 -3.18 33.93 -2.95
C ALA A 63 -2.17 34.32 -4.03
N ALA A 64 -2.68 34.70 -5.19
CA ALA A 64 -1.79 34.93 -6.33
C ALA A 64 -0.73 35.97 -6.04
N SER A 65 -1.07 37.02 -5.29
CA SER A 65 -0.07 38.04 -4.98
C SER A 65 1.09 37.50 -4.17
N VAL A 66 0.83 36.59 -3.22
CA VAL A 66 1.87 36.06 -2.36
C VAL A 66 2.29 34.64 -2.75
N ARG A 67 1.73 34.09 -3.82
CA ARG A 67 2.00 32.72 -4.23
C ARG A 67 3.49 32.46 -4.45
N GLY A 68 4.23 33.43 -4.97
CA GLY A 68 5.64 33.27 -5.22
C GLY A 68 6.60 33.65 -4.11
N ARG A 69 6.11 34.20 -3.00
CA ARG A 69 6.98 34.70 -1.95
C ARG A 69 6.80 34.06 -0.58
N PHE A 70 5.67 33.40 -0.31
CA PHE A 70 5.41 32.91 1.03
C PHE A 70 5.40 31.39 1.05
N THR A 71 5.81 30.83 2.20
CA THR A 71 5.84 29.38 2.36
C THR A 71 5.14 28.98 3.64
N ILE A 72 4.20 28.04 3.53
CA ILE A 72 3.46 27.51 4.66
C ILE A 72 3.99 26.11 4.96
N SER A 73 4.23 25.81 6.23
CA SER A 73 4.78 24.51 6.59
C SER A 73 4.28 24.05 7.95
N ARG A 74 4.58 22.80 8.26
CA ARG A 74 4.24 22.19 9.54
C ARG A 74 5.47 21.50 10.12
N HIS A 75 5.46 21.31 11.43
CA HIS A 75 6.57 20.63 12.06
C HIS A 75 6.46 19.14 11.78
N THR A 76 7.61 18.48 11.74
CA THR A 76 7.62 17.04 11.50
C THR A 76 6.80 16.29 12.54
N SER A 77 6.86 16.71 13.81
CA SER A 77 6.10 16.01 14.85
C SER A 77 5.66 16.87 16.03
N GLU A 78 5.98 18.17 16.09
CA GLU A 78 5.65 18.96 17.27
C GLU A 78 4.32 19.70 17.18
N ASP A 79 3.51 19.45 16.15
CA ASP A 79 2.17 20.02 16.04
C ASP A 79 2.19 21.54 15.98
N LEU A 80 3.09 22.09 15.17
CA LEU A 80 3.24 23.53 15.02
C LEU A 80 2.94 23.93 13.58
N LEU A 81 2.44 25.15 13.39
CA LEU A 81 2.13 25.67 12.07
C LEU A 81 3.07 26.84 11.81
N TYR A 82 3.65 26.88 10.61
CA TYR A 82 4.57 27.94 10.22
C TYR A 82 4.03 28.67 8.99
N LEU A 83 4.34 29.96 8.94
CA LEU A 83 4.07 30.82 7.79
C LEU A 83 5.28 31.74 7.70
N GLU A 84 6.16 31.46 6.75
CA GLU A 84 7.36 32.26 6.53
C GLU A 84 7.13 33.20 5.36
N LEU A 85 7.20 34.50 5.64
CA LEU A 85 7.09 35.58 4.68
C LEU A 85 8.51 35.95 4.30
N ASN A 86 9.04 35.31 3.27
CA ASN A 86 10.36 35.67 2.78
C ASN A 86 10.22 36.85 1.83
N THR A 87 11.25 37.70 1.83
CA THR A 87 11.27 38.92 1.02
C THR A 87 9.92 39.64 1.08
N VAL A 88 9.55 40.02 2.30
CA VAL A 88 8.27 40.70 2.53
C VAL A 88 8.26 42.04 1.81
N LYS A 89 7.08 42.45 1.37
CA LYS A 89 6.93 43.73 0.69
C LYS A 89 6.21 44.70 1.62
N THR A 90 6.17 45.97 1.22
CA THR A 90 5.57 46.98 2.08
C THR A 90 4.06 46.75 2.21
N GLU A 91 3.43 46.28 1.14
CA GLU A 91 2.00 46.03 1.18
C GLU A 91 1.64 44.78 1.96
N ASP A 92 2.60 44.05 2.50
CA ASP A 92 2.30 42.92 3.37
C ASP A 92 2.28 43.29 4.84
N THR A 93 2.47 44.56 5.17
CA THR A 93 2.46 44.99 6.57
C THR A 93 1.05 44.88 7.13
N ALA A 94 0.89 44.04 8.15
CA ALA A 94 -0.45 43.81 8.66
C ALA A 94 -0.35 42.92 9.90
N VAL A 95 -1.51 42.64 10.49
CA VAL A 95 -1.56 41.71 11.61
C VAL A 95 -2.03 40.37 11.06
N TYR A 96 -1.22 39.35 11.30
CA TYR A 96 -1.41 38.00 10.79
C TYR A 96 -1.94 37.09 11.87
N PHE A 97 -3.05 36.44 11.56
CA PHE A 97 -3.72 35.51 12.46
C PHE A 97 -3.65 34.13 11.83
N CYS A 98 -3.44 33.10 12.64
CA CYS A 98 -3.58 31.73 12.15
C CYS A 98 -4.96 31.27 12.55
N ALA A 99 -5.61 30.51 11.69
CA ALA A 99 -6.96 30.05 11.93
C ALA A 99 -7.11 28.59 11.52
N ARG A 100 -8.12 27.96 12.09
CA ARG A 100 -8.40 26.55 11.86
C ARG A 100 -9.55 26.42 10.88
N GLY A 101 -9.37 25.53 9.91
CA GLY A 101 -10.37 25.26 8.92
C GLY A 101 -11.12 23.97 9.20
N PRO A 102 -11.83 23.49 8.20
CA PRO A 102 -12.65 22.29 8.36
C PRO A 102 -11.83 21.03 8.63
N HIS A 103 -12.51 20.08 9.28
CA HIS A 103 -11.95 18.79 9.64
C HIS A 103 -11.80 17.90 8.41
N HIS A 104 -10.83 16.98 8.47
CA HIS A 104 -10.58 16.10 7.33
C HIS A 104 -11.77 15.24 6.96
N SER A 105 -12.77 15.11 7.82
CA SER A 105 -13.95 14.35 7.41
C SER A 105 -14.99 15.24 6.75
N ASP A 106 -14.77 16.56 6.74
CA ASP A 106 -15.64 17.51 6.06
C ASP A 106 -15.26 17.61 4.59
N ARG A 107 -16.24 17.39 3.71
CA ARG A 107 -16.00 17.41 2.27
C ARG A 107 -15.52 18.78 1.78
N SER A 108 -16.05 19.86 2.35
CA SER A 108 -15.78 21.23 1.94
C SER A 108 -14.34 21.68 2.08
N GLY A 109 -13.58 21.11 3.00
CA GLY A 109 -12.26 21.63 3.28
C GLY A 109 -11.24 21.57 2.17
N TYR A 110 -11.34 20.58 1.30
CA TYR A 110 -10.37 20.47 0.22
C TYR A 110 -10.46 21.64 -0.74
N TYR A 111 -11.68 22.04 -1.09
CA TYR A 111 -11.92 23.10 -2.03
C TYR A 111 -12.28 24.45 -1.43
N GLY A 112 -12.64 24.50 -0.16
CA GLY A 112 -12.92 25.79 0.44
C GLY A 112 -13.23 25.66 1.91
N GLY A 113 -14.14 26.52 2.37
CA GLY A 113 -14.57 26.49 3.75
C GLY A 113 -14.61 27.86 4.38
N THR A 114 -15.21 27.94 5.56
CA THR A 114 -15.12 29.08 6.44
C THR A 114 -14.32 28.70 7.67
N PHE A 115 -13.90 29.71 8.43
CA PHE A 115 -13.17 29.44 9.66
C PHE A 115 -14.09 29.44 10.87
N ASP A 116 -13.51 29.14 12.03
CA ASP A 116 -14.26 29.07 13.28
C ASP A 116 -13.47 29.58 14.48
N ILE A 117 -12.15 29.43 14.47
CA ILE A 117 -11.31 29.90 15.56
C ILE A 117 -10.11 30.64 15.00
N TRP A 118 -9.78 31.77 15.62
CA TRP A 118 -8.61 32.57 15.26
C TRP A 118 -7.72 32.73 16.49
N GLY A 119 -6.44 33.00 16.24
CA GLY A 119 -5.51 33.25 17.32
C GLY A 119 -5.49 34.74 17.63
N GLN A 120 -4.73 35.10 18.68
CA GLN A 120 -4.75 36.50 19.08
C GLN A 120 -4.09 37.41 18.06
N GLY A 121 -3.22 36.89 17.21
CA GLY A 121 -2.67 37.69 16.13
C GLY A 121 -1.26 38.18 16.45
N THR A 122 -0.54 38.48 15.37
CA THR A 122 0.80 39.03 15.49
C THR A 122 0.95 40.19 14.52
N MET A 123 1.50 41.31 15.00
CA MET A 123 1.71 42.50 14.17
C MET A 123 3.03 42.44 13.42
N VAL A 124 2.98 42.55 12.10
CA VAL A 124 4.17 42.57 11.25
C VAL A 124 4.24 43.94 10.60
N THR A 125 5.28 44.69 10.93
CA THR A 125 5.55 46.03 10.42
C THR A 125 6.79 46.06 9.55
N VAL A 126 6.61 46.50 8.29
CA VAL A 126 7.69 46.60 7.31
C VAL A 126 8.05 48.08 7.21
N SER A 127 9.27 48.43 7.58
CA SER A 127 9.71 49.80 7.49
C SER A 127 11.23 49.85 7.55
N SER A 128 11.78 50.97 7.11
CA SER A 128 13.21 51.18 7.08
C SER A 128 13.66 52.12 8.19
N ASP B 1 -10.35 38.25 -6.20
CA ASP B 1 -10.97 37.74 -7.44
C ASP B 1 -12.49 37.88 -7.43
N ILE B 2 -13.10 37.72 -6.25
CA ILE B 2 -14.54 37.87 -6.10
C ILE B 2 -14.76 39.14 -5.28
N GLN B 3 -15.44 40.11 -5.87
CA GLN B 3 -15.61 41.40 -5.23
C GLN B 3 -16.70 41.30 -4.18
N MET B 4 -16.53 42.02 -3.08
CA MET B 4 -17.44 41.96 -1.95
C MET B 4 -18.07 43.32 -1.71
N THR B 5 -19.39 43.37 -1.82
CA THR B 5 -20.15 44.60 -1.61
C THR B 5 -20.95 44.45 -0.34
N GLN B 6 -20.61 45.25 0.67
CA GLN B 6 -21.28 45.20 1.97
C GLN B 6 -22.13 46.44 2.11
N SER B 7 -23.36 46.28 2.62
CA SER B 7 -24.22 47.41 2.90
C SER B 7 -24.98 47.25 4.21
N PRO B 8 -25.07 48.31 5.03
CA PRO B 8 -24.54 49.65 4.75
C PRO B 8 -23.06 49.76 5.11
N SER B 9 -22.40 50.82 4.63
CA SER B 9 -20.96 50.95 4.83
C SER B 9 -20.64 51.23 6.29
N SER B 10 -21.45 52.05 6.94
CA SER B 10 -21.34 52.36 8.36
C SER B 10 -22.75 52.55 8.91
N VAL B 11 -23.01 52.01 10.10
CA VAL B 11 -24.34 52.08 10.72
C VAL B 11 -24.22 52.40 12.20
N SER B 12 -25.21 53.16 12.69
CA SER B 12 -25.36 53.53 14.09
C SER B 12 -26.75 53.13 14.57
N ALA B 13 -26.79 52.46 15.72
CA ALA B 13 -28.08 52.11 16.32
C ALA B 13 -27.93 52.08 17.84
N SER B 14 -29.07 52.10 18.54
CA SER B 14 -29.12 52.01 20.01
C SER B 14 -29.37 50.58 20.47
N VAL B 15 -29.24 50.38 21.79
CA VAL B 15 -29.50 49.06 22.34
C VAL B 15 -30.98 48.76 22.25
N GLY B 16 -31.32 47.62 21.68
CA GLY B 16 -32.69 47.31 21.35
C GLY B 16 -33.05 47.58 19.90
N ASP B 17 -32.16 48.17 19.13
CA ASP B 17 -32.42 48.45 17.73
C ASP B 17 -32.18 47.23 16.85
N ARG B 18 -32.87 47.21 15.72
CA ARG B 18 -32.73 46.19 14.70
C ARG B 18 -31.79 46.67 13.60
N VAL B 19 -30.78 45.86 13.29
CA VAL B 19 -29.91 46.12 12.16
C VAL B 19 -29.93 44.90 11.24
N ILE B 20 -29.93 45.16 9.95
CA ILE B 20 -29.82 44.09 8.95
C ILE B 20 -28.67 44.49 8.04
N ILE B 21 -27.80 43.53 7.72
CA ILE B 21 -26.58 43.82 6.98
C ILE B 21 -26.50 42.85 5.82
N THR B 22 -26.28 43.39 4.62
CA THR B 22 -26.23 42.62 3.40
C THR B 22 -24.81 42.51 2.89
N CYS B 23 -24.52 41.40 2.21
CA CYS B 23 -23.22 41.19 1.58
C CYS B 23 -23.46 40.52 0.24
N ARG B 24 -22.77 41.01 -0.78
CA ARG B 24 -22.94 40.59 -2.17
C ARG B 24 -21.64 40.05 -2.71
N ALA B 25 -21.73 38.91 -3.39
CA ALA B 25 -20.61 38.25 -4.04
C ALA B 25 -20.75 38.39 -5.55
N SER B 26 -19.61 38.55 -6.23
CA SER B 26 -19.60 38.86 -7.65
C SER B 26 -20.25 37.75 -8.48
N GLN B 27 -19.98 36.49 -8.16
CA GLN B 27 -20.65 35.39 -8.84
C GLN B 27 -21.26 34.51 -7.77
N GLY B 28 -22.19 33.65 -8.18
CA GLY B 28 -22.90 32.91 -7.16
C GLY B 28 -22.15 31.86 -6.37
N ILE B 29 -22.20 32.01 -5.05
CA ILE B 29 -21.59 31.09 -4.08
C ILE B 29 -22.81 30.44 -3.44
N SER B 30 -22.92 29.13 -3.46
CA SER B 30 -24.15 28.59 -2.87
C SER B 30 -24.31 29.02 -1.40
N SER B 31 -23.78 28.24 -0.47
CA SER B 31 -23.89 28.61 0.94
C SER B 31 -22.55 28.77 1.64
N TRP B 32 -21.44 28.90 0.92
CA TRP B 32 -20.17 28.97 1.63
C TRP B 32 -19.80 30.38 2.08
N LEU B 33 -20.67 30.97 2.90
CA LEU B 33 -20.48 32.32 3.42
C LEU B 33 -20.55 32.25 4.93
N ALA B 34 -19.73 33.05 5.59
CA ALA B 34 -19.68 33.13 7.03
C ALA B 34 -19.68 34.58 7.47
N TRP B 35 -20.04 34.79 8.73
CA TRP B 35 -20.10 36.11 9.32
C TRP B 35 -19.27 36.08 10.59
N TYR B 36 -18.42 37.08 10.75
CA TYR B 36 -17.49 37.20 11.86
C TYR B 36 -17.68 38.51 12.60
N GLN B 37 -17.26 38.53 13.87
CA GLN B 37 -17.33 39.73 14.71
C GLN B 37 -15.96 40.06 15.31
N GLN B 38 -15.49 41.27 15.02
CA GLN B 38 -14.25 41.83 15.54
C GLN B 38 -14.51 42.94 16.53
N LYS B 39 -14.27 42.66 17.80
CA LYS B 39 -14.27 43.69 18.82
C LYS B 39 -12.99 44.51 18.70
N PRO B 40 -13.04 45.82 18.88
CA PRO B 40 -11.83 46.63 18.72
C PRO B 40 -10.72 46.18 19.66
N GLY B 41 -9.54 45.91 19.10
CA GLY B 41 -8.43 45.47 19.92
C GLY B 41 -8.33 43.98 20.09
N ARG B 42 -9.41 43.26 19.82
CA ARG B 42 -9.49 41.82 19.96
C ARG B 42 -9.18 41.14 18.62
N ALA B 43 -9.27 39.82 18.60
CA ALA B 43 -9.17 38.97 17.42
C ALA B 43 -10.58 38.67 16.93
N PRO B 44 -10.76 38.27 15.68
CA PRO B 44 -12.12 37.97 15.24
C PRO B 44 -12.66 36.71 15.87
N ARG B 45 -13.99 36.64 15.90
CA ARG B 45 -14.76 35.53 16.44
C ARG B 45 -15.77 35.12 15.37
N LEU B 46 -15.94 33.83 15.15
CA LEU B 46 -16.95 33.41 14.19
C LEU B 46 -18.32 33.57 14.81
N LEU B 47 -19.24 34.11 14.03
CA LEU B 47 -20.61 34.31 14.46
C LEU B 47 -21.57 33.36 13.77
N ILE B 48 -21.55 33.30 12.44
CA ILE B 48 -22.44 32.44 11.68
C ILE B 48 -21.64 31.76 10.59
N TYR B 49 -21.92 30.48 10.36
CA TYR B 49 -21.23 29.76 9.30
C TYR B 49 -22.29 29.01 8.50
N ASP B 50 -21.88 28.54 7.32
CA ASP B 50 -22.76 27.87 6.37
C ASP B 50 -23.92 28.79 6.00
N ALA B 51 -23.70 30.09 6.00
CA ALA B 51 -24.70 31.12 5.76
C ALA B 51 -25.76 31.26 6.85
N SER B 52 -26.35 30.13 7.30
CA SER B 52 -27.43 30.20 8.29
C SER B 52 -27.17 29.56 9.64
N THR B 53 -26.07 28.85 9.87
CA THR B 53 -25.86 28.17 11.15
C THR B 53 -25.26 29.12 12.19
N LEU B 54 -25.98 29.29 13.30
CA LEU B 54 -25.53 30.17 14.36
C LEU B 54 -24.53 29.41 15.22
N GLU B 55 -23.36 30.00 15.44
CA GLU B 55 -22.33 29.27 16.17
C GLU B 55 -22.64 29.25 17.66
N SER B 56 -22.43 28.09 18.28
CA SER B 56 -22.64 27.94 19.71
C SER B 56 -21.85 28.95 20.51
N GLY B 57 -22.47 29.47 21.56
CA GLY B 57 -21.87 30.48 22.42
C GLY B 57 -22.20 31.88 21.98
N VAL B 58 -22.63 32.03 20.73
CA VAL B 58 -23.06 33.31 20.20
C VAL B 58 -24.53 33.47 20.59
N PRO B 59 -24.98 34.65 20.99
CA PRO B 59 -26.40 34.81 21.31
C PRO B 59 -27.29 34.30 20.18
N SER B 60 -28.39 33.66 20.55
CA SER B 60 -29.35 33.08 19.63
C SER B 60 -30.13 34.10 18.82
N ARG B 61 -29.91 35.40 19.04
CA ARG B 61 -30.65 36.42 18.32
C ARG B 61 -30.31 36.49 16.83
N PHE B 62 -29.12 36.08 16.42
CA PHE B 62 -28.73 36.07 15.01
C PHE B 62 -29.49 35.03 14.20
N SER B 63 -29.70 35.33 12.92
CA SER B 63 -30.37 34.42 11.98
C SER B 63 -29.95 34.82 10.58
N GLY B 64 -29.40 33.89 9.80
CA GLY B 64 -28.91 34.18 8.47
C GLY B 64 -29.77 33.67 7.34
N ARG B 65 -29.88 34.47 6.28
CA ARG B 65 -30.62 34.09 5.09
C ARG B 65 -29.90 34.61 3.85
N GLY B 66 -30.40 34.22 2.69
CA GLY B 66 -29.91 34.69 1.41
C GLY B 66 -29.11 33.65 0.66
N SER B 67 -28.79 33.99 -0.58
CA SER B 67 -28.06 33.07 -1.45
C SER B 67 -27.53 33.82 -2.68
N GLY B 68 -26.77 33.10 -3.50
CA GLY B 68 -26.28 33.64 -4.75
C GLY B 68 -25.39 34.83 -4.60
N THR B 69 -25.89 35.98 -5.06
CA THR B 69 -25.15 37.23 -5.05
C THR B 69 -25.59 38.15 -3.92
N GLU B 70 -26.63 37.79 -3.18
CA GLU B 70 -27.06 38.65 -2.08
C GLU B 70 -27.43 37.79 -0.87
N PHE B 71 -26.79 38.08 0.26
CA PHE B 71 -27.03 37.36 1.50
C PHE B 71 -27.36 38.43 2.52
N THR B 72 -28.07 38.04 3.57
CA THR B 72 -28.41 38.99 4.63
C THR B 72 -28.22 38.33 5.99
N LEU B 73 -27.89 39.17 6.97
CA LEU B 73 -27.61 38.78 8.34
C LEU B 73 -28.24 39.83 9.22
N THR B 74 -29.28 39.45 9.94
CA THR B 74 -29.96 40.33 10.88
C THR B 74 -29.34 40.30 12.27
N ILE B 75 -29.55 41.40 12.99
CA ILE B 75 -29.20 41.55 14.39
C ILE B 75 -30.46 42.16 14.99
N ASN B 76 -31.30 41.28 15.56
CA ASN B 76 -32.65 41.64 15.97
C ASN B 76 -32.66 42.47 17.25
N SER B 77 -32.12 41.94 18.34
CA SER B 77 -32.10 42.65 19.61
C SER B 77 -30.68 43.08 19.95
N LEU B 78 -30.37 44.34 19.61
CA LEU B 78 -29.03 44.86 19.82
C LEU B 78 -28.74 44.82 21.31
N GLN B 79 -27.69 44.29 21.65
CA GLN B 79 -27.37 44.18 23.06
C GLN B 79 -26.15 45.06 23.34
N PRO B 80 -25.98 45.51 24.55
CA PRO B 80 -24.82 46.37 24.83
C PRO B 80 -23.51 45.76 24.39
N GLU B 81 -23.42 44.43 24.36
CA GLU B 81 -22.26 43.74 23.82
C GLU B 81 -22.16 43.74 22.30
N ASP B 82 -23.21 44.16 21.59
CA ASP B 82 -23.26 44.09 20.13
C ASP B 82 -22.57 45.26 19.41
N PHE B 83 -21.83 46.11 20.10
CA PHE B 83 -21.06 47.15 19.39
C PHE B 83 -19.76 46.49 18.94
N ALA B 84 -19.57 46.39 17.63
CA ALA B 84 -18.38 45.75 17.08
C ALA B 84 -18.41 45.87 15.56
N THR B 85 -17.51 45.16 14.87
CA THR B 85 -17.54 45.11 13.41
C THR B 85 -17.90 43.72 12.92
N TYR B 86 -18.85 43.64 11.99
CA TYR B 86 -19.29 42.37 11.41
C TYR B 86 -18.80 42.28 9.96
N TYR B 87 -18.25 41.13 9.60
CA TYR B 87 -17.61 40.94 8.29
C TYR B 87 -18.12 39.67 7.63
N CYS B 88 -18.34 39.75 6.32
CA CYS B 88 -18.72 38.59 5.53
C CYS B 88 -17.47 37.96 4.90
N GLN B 89 -17.49 36.63 4.81
CA GLN B 89 -16.43 35.84 4.19
C GLN B 89 -17.03 34.83 3.22
N GLN B 90 -16.42 34.73 2.05
CA GLN B 90 -16.82 33.81 1.00
C GLN B 90 -15.94 32.57 1.05
N GLY B 91 -16.57 31.40 1.11
CA GLY B 91 -15.85 30.14 1.20
C GLY B 91 -16.06 29.16 0.04
N ASN B 92 -16.61 29.61 -1.08
CA ASN B 92 -16.89 28.69 -2.17
C ASN B 92 -15.66 28.34 -2.98
N MET B 93 -14.75 29.29 -3.17
CA MET B 93 -13.56 29.03 -3.96
C MET B 93 -12.42 29.89 -3.46
N PHE B 94 -11.25 29.45 -3.76
CA PHE B 94 -10.05 30.16 -3.42
C PHE B 94 -9.77 31.20 -4.52
N PRO B 95 -9.32 32.40 -4.16
CA PRO B 95 -9.08 32.95 -2.83
C PRO B 95 -10.34 33.39 -2.11
N LEU B 96 -10.34 33.27 -0.79
CA LEU B 96 -11.45 33.73 0.01
C LEU B 96 -11.45 35.25 -0.02
N THR B 97 -12.63 35.86 -0.16
CA THR B 97 -12.74 37.30 -0.20
C THR B 97 -13.64 37.75 0.94
N PHE B 98 -13.29 38.86 1.56
CA PHE B 98 -14.00 39.38 2.73
C PHE B 98 -14.62 40.73 2.41
N GLY B 99 -15.57 41.12 3.25
CA GLY B 99 -16.20 42.42 3.12
C GLY B 99 -15.35 43.55 3.69
N GLY B 100 -15.90 44.75 3.55
CA GLY B 100 -15.30 45.96 4.08
C GLY B 100 -15.52 46.12 5.57
N GLY B 101 -16.39 45.31 6.14
CA GLY B 101 -16.75 45.36 7.54
C GLY B 101 -17.88 46.34 7.80
N THR B 102 -18.77 45.98 8.73
CA THR B 102 -19.97 46.74 9.05
C THR B 102 -19.80 47.17 10.49
N LYS B 103 -19.72 48.48 10.73
CA LYS B 103 -19.51 48.97 12.08
C LYS B 103 -20.86 49.17 12.76
N VAL B 104 -21.05 48.49 13.89
CA VAL B 104 -22.28 48.58 14.65
C VAL B 104 -21.85 49.32 15.92
N GLU B 105 -22.45 50.48 16.13
CA GLU B 105 -22.14 51.38 17.22
C GLU B 105 -23.43 51.80 17.92
N ILE B 106 -23.29 52.23 19.17
CA ILE B 106 -24.47 52.54 19.95
C ILE B 106 -24.98 53.92 19.53
N LYS B 107 -26.25 54.17 19.80
CA LYS B 107 -26.89 55.43 19.43
C LYS B 107 -27.40 56.17 20.66
N THR C 58 -33.36 8.27 -14.40
CA THR C 58 -32.32 7.82 -15.33
C THR C 58 -31.39 8.99 -15.67
N ARG C 59 -30.18 8.65 -16.11
CA ARG C 59 -29.17 9.68 -16.39
C ARG C 59 -29.58 10.58 -17.55
N GLN C 60 -30.38 10.07 -18.49
CA GLN C 60 -30.83 10.90 -19.61
C GLN C 60 -31.84 11.94 -19.17
N VAL C 61 -32.87 11.54 -18.41
CA VAL C 61 -33.86 12.51 -17.95
C VAL C 61 -33.23 13.59 -17.07
N VAL C 62 -32.37 13.20 -16.14
CA VAL C 62 -31.74 14.19 -15.27
C VAL C 62 -30.78 15.07 -16.06
N HIS C 63 -30.08 14.51 -17.06
CA HIS C 63 -29.26 15.38 -17.90
C HIS C 63 -30.15 16.35 -18.68
N ASN C 64 -31.25 15.86 -19.23
CA ASN C 64 -32.16 16.72 -19.96
C ASN C 64 -32.72 17.81 -19.08
N LYS C 65 -32.65 17.64 -17.76
CA LYS C 65 -33.15 18.72 -16.92
C LYS C 65 -32.25 19.92 -17.07
N LEU C 66 -31.00 19.69 -17.50
CA LEU C 66 -30.04 20.74 -17.80
C LEU C 66 -28.94 20.18 -18.69
N THR C 67 -29.21 20.19 -19.99
CA THR C 67 -28.30 19.63 -20.98
C THR C 67 -26.96 20.36 -20.97
N SER C 68 -26.98 21.65 -20.71
CA SER C 68 -25.77 22.45 -20.70
C SER C 68 -24.83 22.07 -19.57
N CYS C 69 -25.20 21.12 -18.72
CA CYS C 69 -24.30 20.61 -17.69
C CYS C 69 -23.45 19.44 -18.20
N ASN C 70 -23.77 18.89 -19.36
CA ASN C 70 -22.98 17.83 -20.00
C ASN C 70 -22.74 16.67 -19.04
N TYR C 71 -23.83 16.07 -18.58
CA TYR C 71 -23.79 14.96 -17.64
C TYR C 71 -23.05 15.30 -16.36
N ASN C 72 -22.81 16.59 -16.12
CA ASN C 72 -22.25 16.86 -14.82
C ASN C 72 -23.40 17.02 -13.82
N PRO C 73 -23.16 16.69 -12.56
CA PRO C 73 -24.25 16.75 -11.59
C PRO C 73 -24.89 18.14 -11.48
N LEU C 74 -26.17 18.12 -11.18
CA LEU C 74 -27.02 19.28 -10.93
C LEU C 74 -27.25 19.38 -9.43
N TYR C 75 -27.70 20.56 -8.99
CA TYR C 75 -27.99 20.78 -7.58
C TYR C 75 -29.42 21.26 -7.42
N LEU C 76 -30.19 20.52 -6.62
CA LEU C 76 -31.57 20.84 -6.28
C LEU C 76 -31.63 21.48 -4.90
N GLU C 77 -32.03 22.75 -4.83
CA GLU C 77 -32.26 23.38 -3.55
C GLU C 77 -33.67 23.03 -3.06
N ALA C 78 -33.87 23.13 -1.74
CA ALA C 78 -35.21 22.87 -1.21
C ALA C 78 -36.26 23.85 -1.72
N ASP C 79 -35.86 24.96 -2.34
CA ASP C 79 -36.83 25.83 -2.98
C ASP C 79 -37.48 25.13 -4.17
N GLY C 80 -36.69 24.32 -4.88
CA GLY C 80 -37.14 23.52 -6.00
C GLY C 80 -36.37 23.76 -7.28
N ARG C 81 -35.63 24.87 -7.36
CA ARG C 81 -34.86 25.18 -8.55
C ARG C 81 -33.71 24.20 -8.71
N ILE C 82 -33.51 23.70 -9.93
CA ILE C 82 -32.42 22.79 -10.28
C ILE C 82 -31.41 23.59 -11.10
N ARG C 83 -30.16 23.59 -10.66
CA ARG C 83 -29.07 24.30 -11.34
C ARG C 83 -27.96 23.33 -11.72
N CYS C 84 -26.93 23.83 -12.40
CA CYS C 84 -25.78 23.01 -12.72
C CYS C 84 -24.95 22.85 -11.45
N GLY C 85 -24.41 21.65 -11.25
CA GLY C 85 -23.70 21.34 -10.04
C GLY C 85 -22.26 21.83 -10.02
N LYS C 86 -21.81 22.16 -8.83
CA LYS C 86 -20.44 22.57 -8.57
C LYS C 86 -19.79 21.37 -7.91
N VAL C 87 -18.54 21.09 -8.28
CA VAL C 87 -17.85 20.00 -7.60
C VAL C 87 -17.76 20.24 -6.10
N ASN C 88 -17.70 21.50 -5.66
CA ASN C 88 -17.49 21.83 -4.26
C ASN C 88 -18.75 21.96 -3.39
N ASP C 89 -19.96 21.74 -3.91
CA ASP C 89 -21.08 21.74 -2.97
C ASP C 89 -21.20 20.38 -2.27
N LYS C 90 -20.72 19.31 -2.92
CA LYS C 90 -20.65 17.98 -2.35
C LYS C 90 -21.74 17.61 -1.34
N ALA C 91 -23.00 17.90 -1.65
CA ALA C 91 -24.10 17.57 -0.76
C ALA C 91 -24.87 16.39 -1.34
N GLN C 92 -25.90 15.94 -0.59
CA GLN C 92 -26.75 14.84 -1.05
C GLN C 92 -27.73 15.29 -2.13
N TYR C 93 -28.08 16.54 -2.13
CA TYR C 93 -28.95 17.23 -3.09
C TYR C 93 -28.34 17.35 -4.47
N LEU C 94 -27.21 16.70 -4.72
CA LEU C 94 -26.52 16.75 -6.01
C LEU C 94 -26.89 15.51 -6.81
N LEU C 95 -27.62 15.75 -7.90
CA LEU C 95 -28.19 14.70 -8.75
C LEU C 95 -27.24 14.33 -9.87
N GLY C 96 -27.19 13.05 -10.19
CA GLY C 96 -26.38 12.53 -11.27
C GLY C 96 -24.98 12.12 -10.91
N ALA C 97 -24.62 12.11 -9.64
CA ALA C 97 -23.30 11.70 -9.20
C ALA C 97 -23.46 10.40 -8.41
N ALA C 98 -22.33 9.79 -8.03
CA ALA C 98 -22.41 8.53 -7.31
C ALA C 98 -21.17 8.31 -6.47
N GLY C 99 -21.38 7.74 -5.28
CA GLY C 99 -20.27 7.51 -4.37
C GLY C 99 -19.39 6.35 -4.80
N SER C 100 -20.01 5.24 -5.21
CA SER C 100 -19.28 4.06 -5.65
C SER C 100 -19.98 3.50 -6.88
N VAL C 101 -19.21 2.78 -7.69
CA VAL C 101 -19.74 2.25 -8.94
C VAL C 101 -20.39 0.89 -8.69
N PRO C 102 -21.64 0.69 -9.10
CA PRO C 102 -22.30 -0.62 -8.93
C PRO C 102 -21.92 -1.59 -10.05
N TYR C 103 -20.62 -1.86 -10.17
CA TYR C 103 -20.15 -2.78 -11.20
C TYR C 103 -20.35 -4.23 -10.79
N ARG C 104 -20.34 -5.10 -11.81
CA ARG C 104 -20.40 -6.55 -11.62
C ARG C 104 -19.73 -7.21 -12.81
N TRP C 105 -18.58 -7.83 -12.60
CA TRP C 105 -17.93 -8.56 -13.67
C TRP C 105 -18.80 -9.71 -14.13
N ARG C 115 -10.55 -29.31 -5.89
CA ARG C 115 -10.26 -30.23 -4.80
C ARG C 115 -10.22 -31.67 -5.27
N ILE C 116 -9.15 -32.37 -4.92
CA ILE C 116 -9.03 -33.79 -5.23
C ILE C 116 -9.67 -34.62 -4.14
N VAL C 117 -10.65 -35.42 -4.52
CA VAL C 117 -11.42 -36.26 -3.61
C VAL C 117 -11.20 -37.70 -4.05
N GLY C 118 -10.61 -38.50 -3.16
CA GLY C 118 -10.40 -39.90 -3.46
C GLY C 118 -11.71 -40.65 -3.59
N LEU C 119 -11.68 -41.76 -4.33
CA LEU C 119 -12.89 -42.52 -4.55
C LEU C 119 -13.46 -43.03 -3.24
N ASP C 120 -12.59 -43.50 -2.33
CA ASP C 120 -13.08 -43.91 -1.02
C ASP C 120 -13.68 -42.72 -0.30
N GLN C 121 -13.01 -41.56 -0.34
CA GLN C 121 -13.57 -40.37 0.27
C GLN C 121 -14.89 -39.98 -0.39
N TYR C 122 -15.00 -40.19 -1.70
CA TYR C 122 -16.24 -39.87 -2.40
C TYR C 122 -17.39 -40.74 -1.92
N LEU C 123 -17.20 -42.05 -1.97
CA LEU C 123 -18.24 -42.96 -1.49
C LEU C 123 -18.63 -42.62 -0.06
N GLU C 124 -17.63 -42.46 0.82
CA GLU C 124 -17.94 -42.07 2.20
C GLU C 124 -18.71 -40.76 2.27
N SER C 125 -18.37 -39.80 1.41
CA SER C 125 -19.04 -38.50 1.39
C SER C 125 -20.25 -38.49 0.46
N VAL C 126 -20.82 -39.66 0.20
CA VAL C 126 -22.00 -39.75 -0.66
C VAL C 126 -23.01 -40.68 0.01
N LYS C 127 -22.54 -41.64 0.79
CA LYS C 127 -23.44 -42.53 1.51
C LYS C 127 -24.19 -41.78 2.60
N LYS C 128 -23.65 -40.65 3.04
CA LYS C 128 -24.27 -39.83 4.09
C LYS C 128 -25.38 -39.00 3.47
N HIS C 129 -25.03 -37.99 2.68
CA HIS C 129 -26.06 -37.26 1.97
C HIS C 129 -26.49 -38.17 0.84
N LYS C 130 -27.65 -38.80 1.02
CA LYS C 130 -28.18 -39.85 0.15
C LYS C 130 -28.52 -39.41 -1.27
N ARG C 131 -28.26 -38.16 -1.63
CA ARG C 131 -28.57 -37.73 -2.99
C ARG C 131 -27.43 -38.09 -3.93
N LEU C 132 -27.72 -38.00 -5.23
CA LEU C 132 -26.77 -38.42 -6.25
C LEU C 132 -25.70 -37.35 -6.47
N ASP C 133 -26.07 -36.23 -7.05
CA ASP C 133 -25.12 -35.15 -7.27
C ASP C 133 -24.66 -34.58 -5.93
N VAL C 134 -23.35 -34.67 -5.69
CA VAL C 134 -22.72 -34.23 -4.45
C VAL C 134 -21.81 -33.03 -4.66
N CYS C 135 -21.62 -32.60 -5.90
CA CYS C 135 -20.77 -31.45 -6.25
C CYS C 135 -21.60 -30.17 -6.36
N ARG C 136 -22.48 -29.97 -5.39
CA ARG C 136 -23.37 -28.82 -5.29
C ARG C 136 -23.83 -28.30 -6.65
N THR D 20 2.32 -40.18 14.04
CA THR D 20 3.43 -40.69 13.18
C THR D 20 3.61 -39.78 11.98
N TYR D 21 4.83 -39.74 11.45
CA TYR D 21 5.12 -38.95 10.25
C TYR D 21 6.13 -39.70 9.40
N SER D 22 5.82 -39.83 8.12
CA SER D 22 6.67 -40.55 7.17
C SER D 22 7.56 -39.59 6.38
N LYS D 23 8.50 -40.18 5.66
CA LYS D 23 9.42 -39.49 4.78
C LYS D 23 8.85 -39.43 3.36
N PRO D 24 9.19 -38.40 2.59
CA PRO D 24 8.62 -38.26 1.24
C PRO D 24 8.68 -39.51 0.37
N HIS D 25 9.73 -40.32 0.47
CA HIS D 25 9.81 -41.53 -0.32
C HIS D 25 8.65 -42.47 -0.04
N ASP D 26 8.36 -42.72 1.24
CA ASP D 26 7.19 -43.53 1.59
C ASP D 26 5.90 -42.91 1.07
N ALA D 27 5.79 -41.59 1.12
CA ALA D 27 4.57 -40.96 0.68
C ALA D 27 4.36 -41.16 -0.82
N ALA D 28 5.39 -40.94 -1.61
CA ALA D 28 5.28 -41.15 -3.05
C ALA D 28 5.02 -42.63 -3.37
N THR D 29 5.84 -43.51 -2.83
CA THR D 29 5.67 -44.93 -3.16
C THR D 29 4.43 -45.55 -2.55
N PHE D 30 3.66 -44.81 -1.75
CA PHE D 30 2.46 -45.40 -1.14
C PHE D 30 1.52 -46.01 -2.19
N TYR D 31 1.25 -45.27 -3.26
CA TYR D 31 0.39 -45.74 -4.35
C TYR D 31 1.16 -46.43 -5.47
N CYS D 32 2.38 -46.88 -5.23
CA CYS D 32 3.16 -47.50 -6.31
C CYS D 32 2.76 -48.96 -6.50
N PRO D 33 2.74 -49.46 -7.75
CA PRO D 33 3.02 -48.79 -9.03
C PRO D 33 1.82 -48.12 -9.73
N PHE D 34 2.11 -47.20 -10.65
CA PHE D 34 1.13 -46.48 -11.47
C PHE D 34 1.17 -47.05 -12.89
N LEU D 35 0.10 -47.74 -13.29
CA LEU D 35 0.04 -48.35 -14.62
C LEU D 35 -0.71 -47.55 -15.68
N TYR D 36 -1.83 -46.90 -15.34
CA TYR D 36 -2.59 -46.15 -16.34
C TYR D 36 -2.63 -44.65 -16.05
N PRO D 37 -2.79 -43.84 -17.10
CA PRO D 37 -2.75 -42.38 -16.95
C PRO D 37 -3.79 -41.80 -15.99
N SER D 38 -3.41 -40.68 -15.40
CA SER D 38 -4.17 -39.85 -14.47
C SER D 38 -4.85 -38.71 -15.21
N PRO D 39 -5.92 -38.14 -14.67
CA PRO D 39 -6.56 -37.01 -15.33
C PRO D 39 -5.69 -35.78 -15.29
N PRO D 40 -5.49 -35.09 -16.42
CA PRO D 40 -4.72 -33.85 -16.40
C PRO D 40 -5.46 -32.77 -15.63
N ARG D 41 -4.70 -31.95 -14.91
CA ARG D 41 -5.26 -30.89 -14.10
C ARG D 41 -4.56 -29.58 -14.45
N SER D 42 -5.20 -28.47 -14.09
CA SER D 42 -4.62 -27.19 -14.48
C SER D 42 -3.60 -26.74 -13.44
N PRO D 43 -2.51 -26.11 -13.88
CA PRO D 43 -1.54 -25.59 -12.90
C PRO D 43 -2.13 -24.57 -11.96
N LEU D 44 -3.16 -23.84 -12.38
CA LEU D 44 -3.76 -22.81 -11.54
C LEU D 44 -4.14 -23.33 -10.16
N GLN D 45 -4.62 -24.57 -10.06
CA GLN D 45 -5.08 -25.14 -8.80
C GLN D 45 -3.96 -25.48 -7.82
N PHE D 46 -2.74 -25.72 -8.28
CA PHE D 46 -1.67 -26.18 -7.40
C PHE D 46 -0.82 -25.04 -6.87
N SER D 47 -0.32 -25.23 -5.65
CA SER D 47 0.48 -24.24 -4.94
C SER D 47 1.88 -24.71 -4.59
N GLY D 48 2.27 -25.91 -4.95
CA GLY D 48 3.65 -26.35 -4.67
C GLY D 48 3.91 -27.72 -5.27
N PHE D 49 5.20 -28.05 -5.40
CA PHE D 49 5.57 -29.33 -5.97
C PHE D 49 6.91 -29.80 -5.43
N GLN D 50 7.06 -31.12 -5.38
CA GLN D 50 8.27 -31.79 -4.91
C GLN D 50 8.56 -32.98 -5.80
N GLN D 51 9.78 -33.10 -6.31
CA GLN D 51 10.15 -34.24 -7.15
C GLN D 51 10.79 -35.31 -6.28
N VAL D 52 10.17 -36.50 -6.25
CA VAL D 52 10.67 -37.62 -5.48
C VAL D 52 11.02 -38.74 -6.45
N SER D 53 12.30 -39.08 -6.52
CA SER D 53 12.77 -40.06 -7.47
C SER D 53 12.77 -41.43 -6.81
N THR D 54 12.45 -42.45 -7.59
CA THR D 54 12.38 -43.82 -7.10
C THR D 54 13.39 -44.66 -7.88
N GLY D 55 13.71 -45.82 -7.31
CA GLY D 55 14.60 -46.76 -7.94
C GLY D 55 13.88 -47.98 -8.49
N PRO D 56 14.56 -49.13 -8.48
CA PRO D 56 13.95 -50.35 -9.00
C PRO D 56 12.58 -50.70 -8.42
N GLU D 57 12.30 -50.28 -7.18
CA GLU D 57 11.02 -50.61 -6.57
C GLU D 57 9.83 -50.21 -7.43
N CYS D 58 9.94 -49.15 -8.22
CA CYS D 58 8.85 -48.68 -9.08
C CYS D 58 9.36 -48.40 -10.49
N ARG D 59 10.22 -49.28 -10.98
CA ARG D 59 10.84 -49.14 -12.31
C ARG D 59 11.57 -47.81 -12.46
N ASN D 60 12.19 -47.34 -11.38
CA ASN D 60 12.95 -46.08 -11.39
C ASN D 60 12.12 -44.87 -11.77
N GLU D 61 10.79 -44.96 -11.74
CA GLU D 61 9.96 -43.84 -12.16
C GLU D 61 10.14 -42.63 -11.24
N THR D 62 10.00 -41.45 -11.83
CA THR D 62 10.07 -40.18 -11.12
C THR D 62 8.66 -39.71 -10.77
N LEU D 63 8.33 -39.73 -9.49
CA LEU D 63 7.02 -39.26 -9.06
C LEU D 63 7.13 -37.81 -8.59
N TYR D 64 5.99 -37.13 -8.57
CA TYR D 64 5.95 -35.75 -8.11
C TYR D 64 4.83 -35.61 -7.11
N LEU D 65 5.11 -34.99 -5.98
CA LEU D 65 4.12 -34.75 -4.94
C LEU D 65 3.67 -33.32 -5.15
N LEU D 66 2.41 -33.13 -5.51
CA LEU D 66 1.85 -31.81 -5.81
C LEU D 66 0.95 -31.36 -4.66
N TYR D 67 1.20 -30.17 -4.15
CA TYR D 67 0.46 -29.63 -3.02
C TYR D 67 -0.48 -28.57 -3.56
N ASN D 68 -1.74 -28.61 -3.13
CA ASN D 68 -2.75 -27.64 -3.51
C ASN D 68 -3.06 -26.74 -2.32
N ARG D 69 -3.96 -25.79 -2.54
CA ARG D 69 -4.34 -24.86 -1.49
C ARG D 69 -5.29 -25.46 -0.46
N GLU D 70 -5.79 -26.67 -0.68
CA GLU D 70 -6.64 -27.32 0.30
C GLU D 70 -5.84 -28.24 1.23
N GLY D 71 -4.51 -28.15 1.21
CA GLY D 71 -3.67 -28.93 2.09
C GLY D 71 -3.59 -30.42 1.84
N GLN D 72 -3.73 -30.88 0.60
CA GLN D 72 -3.68 -32.30 0.30
C GLN D 72 -2.75 -32.57 -0.88
N THR D 73 -2.01 -33.66 -0.79
CA THR D 73 -0.98 -34.03 -1.75
C THR D 73 -1.48 -35.01 -2.81
N LEU D 74 -1.11 -34.73 -4.06
CA LEU D 74 -1.43 -35.55 -5.23
C LEU D 74 -0.13 -36.06 -5.87
N VAL D 75 0.13 -37.36 -5.76
CA VAL D 75 1.30 -37.95 -6.40
C VAL D 75 0.96 -38.20 -7.87
N GLU D 76 1.80 -37.69 -8.77
CA GLU D 76 1.58 -37.79 -10.21
C GLU D 76 2.85 -38.18 -10.95
N ARG D 77 2.68 -39.01 -11.97
CA ARG D 77 3.77 -39.45 -12.83
C ARG D 77 4.14 -38.35 -13.82
N SER D 78 5.43 -38.29 -14.15
CA SER D 78 5.92 -37.27 -15.07
C SER D 78 5.24 -37.34 -16.44
N SER D 79 4.66 -36.23 -16.86
CA SER D 79 3.92 -36.13 -18.10
C SER D 79 4.03 -34.71 -18.63
N THR D 80 3.54 -34.51 -19.86
CA THR D 80 3.59 -33.19 -20.47
C THR D 80 2.82 -32.15 -19.66
N TRP D 81 1.66 -32.54 -19.11
CA TRP D 81 0.90 -31.57 -18.33
C TRP D 81 1.50 -31.38 -16.95
N VAL D 82 2.05 -32.44 -16.35
CA VAL D 82 2.69 -32.30 -15.05
C VAL D 82 3.88 -31.35 -15.18
N LYS D 83 4.69 -31.55 -16.22
CA LYS D 83 5.79 -30.62 -16.50
C LYS D 83 5.27 -29.21 -16.71
N LYS D 84 4.12 -29.06 -17.34
CA LYS D 84 3.57 -27.72 -17.53
C LYS D 84 3.26 -27.09 -16.18
N VAL D 85 2.77 -27.89 -15.24
CA VAL D 85 2.49 -27.40 -13.90
C VAL D 85 3.79 -27.01 -13.23
N ILE D 86 4.78 -27.89 -13.29
CA ILE D 86 6.07 -27.61 -12.66
C ILE D 86 6.62 -26.28 -13.14
N TRP D 87 6.70 -26.10 -14.45
CA TRP D 87 7.24 -24.87 -15.02
C TRP D 87 6.46 -23.63 -14.57
N TYR D 88 5.13 -23.72 -14.56
CA TYR D 88 4.30 -22.60 -14.10
C TYR D 88 4.55 -22.26 -12.63
N LEU D 89 4.52 -23.27 -11.77
CA LEU D 89 4.73 -23.00 -10.35
C LEU D 89 6.15 -22.51 -10.12
N SER D 90 7.11 -23.04 -10.89
CA SER D 90 8.48 -22.60 -10.76
C SER D 90 8.57 -21.10 -10.95
N GLY D 91 7.82 -20.57 -11.93
CA GLY D 91 7.97 -19.16 -12.22
C GLY D 91 7.07 -18.20 -11.45
N ARG D 92 5.94 -18.70 -10.95
CA ARG D 92 5.05 -17.88 -10.13
C ARG D 92 5.72 -16.95 -9.12
N ASN D 93 6.65 -17.45 -8.31
CA ASN D 93 7.21 -16.66 -7.22
C ASN D 93 8.54 -16.00 -7.55
N GLN D 94 8.85 -15.76 -8.82
CA GLN D 94 10.11 -15.09 -9.12
C GLN D 94 10.11 -13.72 -8.46
N THR D 95 11.29 -13.29 -8.00
CA THR D 95 11.36 -12.07 -7.20
C THR D 95 10.73 -10.87 -7.88
N ILE D 96 11.05 -10.64 -9.16
CA ILE D 96 10.61 -9.41 -9.81
C ILE D 96 9.09 -9.30 -9.80
N LEU D 97 8.40 -10.44 -9.88
CA LEU D 97 6.95 -10.41 -9.85
C LEU D 97 6.45 -9.99 -8.48
N GLN D 98 7.15 -10.44 -7.43
CA GLN D 98 6.74 -10.12 -6.07
C GLN D 98 6.99 -8.65 -5.74
N ARG D 99 8.21 -8.16 -6.00
CA ARG D 99 8.57 -6.78 -5.65
C ARG D 99 8.08 -5.73 -6.64
N MET D 100 7.48 -6.08 -7.78
CA MET D 100 7.03 -5.02 -8.69
C MET D 100 6.02 -4.09 -8.03
N PRO D 101 4.97 -4.57 -7.37
CA PRO D 101 4.08 -3.65 -6.65
C PRO D 101 4.78 -2.83 -5.59
N GLN D 102 5.67 -3.42 -4.80
CA GLN D 102 6.37 -2.62 -3.80
C GLN D 102 7.15 -1.50 -4.45
N THR D 103 7.66 -1.72 -5.66
CA THR D 103 8.30 -0.65 -6.40
C THR D 103 7.28 0.38 -6.86
N ALA D 104 6.04 -0.04 -7.09
CA ALA D 104 5.01 0.90 -7.51
C ALA D 104 4.59 1.81 -6.35
N SER D 105 4.56 1.28 -5.14
CA SER D 105 4.21 2.08 -3.97
C SER D 105 5.22 3.17 -3.67
N LYS D 106 6.52 2.87 -3.76
CA LYS D 106 7.55 3.85 -3.45
C LYS D 106 7.65 4.95 -4.52
N PRO D 107 7.54 6.22 -4.14
CA PRO D 107 7.57 7.30 -5.14
C PRO D 107 8.95 7.61 -5.73
N SER D 108 9.34 8.89 -5.77
CA SER D 108 10.63 9.30 -6.32
C SER D 108 11.81 8.50 -5.75
N ASP D 109 11.88 8.36 -4.43
CA ASP D 109 12.87 7.44 -3.85
C ASP D 109 12.15 6.11 -3.69
N GLY D 110 12.47 5.16 -4.57
CA GLY D 110 11.81 3.88 -4.58
C GLY D 110 12.57 2.70 -5.14
N ASN D 111 13.62 2.94 -5.93
CA ASN D 111 14.20 1.89 -6.76
C ASN D 111 15.55 1.40 -6.24
N VAL D 112 15.67 0.07 -6.22
CA VAL D 112 16.87 -0.68 -5.87
C VAL D 112 17.00 -1.71 -6.98
N GLN D 113 18.15 -1.71 -7.65
CA GLN D 113 18.36 -2.58 -8.81
C GLN D 113 18.00 -4.04 -8.60
N ILE D 114 17.70 -4.72 -9.70
CA ILE D 114 17.34 -6.12 -9.73
C ILE D 114 18.48 -6.91 -10.38
N SER D 115 18.45 -8.23 -10.22
CA SER D 115 19.48 -9.08 -10.77
C SER D 115 19.21 -9.38 -12.25
N VAL D 116 20.27 -9.74 -12.97
CA VAL D 116 20.13 -10.12 -14.38
C VAL D 116 19.53 -11.50 -14.56
N GLU D 117 19.68 -12.38 -13.56
CA GLU D 117 19.11 -13.72 -13.67
C GLU D 117 17.60 -13.65 -13.66
N ASP D 118 17.05 -12.79 -12.79
CA ASP D 118 15.62 -12.60 -12.80
C ASP D 118 15.18 -11.88 -14.06
N ALA D 119 16.01 -10.98 -14.60
CA ALA D 119 15.66 -10.34 -15.86
C ALA D 119 15.46 -11.38 -16.97
N LYS D 120 16.38 -12.36 -17.04
CA LYS D 120 16.25 -13.40 -18.07
C LYS D 120 15.10 -14.35 -17.77
N ILE D 121 14.83 -14.60 -16.49
CA ILE D 121 13.70 -15.46 -16.16
C ILE D 121 12.40 -14.74 -16.49
N PHE D 122 12.33 -13.45 -16.19
CA PHE D 122 11.16 -12.67 -16.54
C PHE D 122 10.92 -12.71 -18.03
N GLY D 123 11.99 -12.55 -18.81
CA GLY D 123 11.86 -12.66 -20.26
C GLY D 123 11.26 -13.99 -20.69
N ALA D 124 11.84 -15.10 -20.20
CA ALA D 124 11.34 -16.42 -20.55
C ALA D 124 9.89 -16.62 -20.16
N HIS D 125 9.54 -16.29 -18.93
CA HIS D 125 8.18 -16.47 -18.44
C HIS D 125 7.18 -15.50 -19.04
N MET D 126 7.47 -14.20 -19.00
CA MET D 126 6.50 -13.23 -19.49
C MET D 126 6.57 -13.04 -21.00
N VAL D 127 5.40 -13.21 -21.64
CA VAL D 127 5.18 -13.07 -23.08
C VAL D 127 5.29 -11.61 -23.49
N PRO D 128 5.79 -11.30 -24.68
CA PRO D 128 5.99 -9.89 -25.03
C PRO D 128 4.74 -9.03 -25.07
N LYS D 129 3.58 -9.58 -25.45
CA LYS D 129 2.39 -8.75 -25.50
C LYS D 129 1.15 -9.61 -25.30
N GLN D 130 0.16 -9.05 -24.60
CA GLN D 130 -1.13 -9.69 -24.40
C GLN D 130 -2.24 -8.66 -24.47
N THR D 131 -3.35 -9.04 -25.11
CA THR D 131 -4.53 -8.21 -25.24
C THR D 131 -5.75 -8.96 -24.73
N LYS D 132 -6.53 -8.31 -23.87
CA LYS D 132 -7.73 -8.89 -23.29
C LYS D 132 -8.93 -7.97 -23.41
N LEU D 133 -10.07 -8.57 -23.73
CA LEU D 133 -11.37 -7.93 -23.73
C LEU D 133 -12.13 -8.54 -22.56
N LEU D 134 -12.59 -7.70 -21.62
CA LEU D 134 -13.37 -8.17 -20.49
C LEU D 134 -14.64 -7.36 -20.30
N ARG D 135 -15.78 -8.05 -20.32
CA ARG D 135 -17.09 -7.46 -20.20
C ARG D 135 -17.50 -7.30 -18.74
N PHE D 136 -18.24 -6.24 -18.48
CA PHE D 136 -18.76 -5.93 -17.15
C PHE D 136 -20.07 -5.19 -17.32
N VAL D 137 -20.93 -5.29 -16.31
CA VAL D 137 -22.20 -4.58 -16.31
C VAL D 137 -22.17 -3.61 -15.15
N VAL D 138 -22.62 -2.38 -15.41
CA VAL D 138 -22.70 -1.36 -14.38
C VAL D 138 -24.16 -0.96 -14.26
N ASN D 139 -24.62 -0.78 -13.02
CA ASN D 139 -25.99 -0.38 -12.78
C ASN D 139 -26.12 1.13 -12.92
N ASP D 140 -26.84 1.56 -13.95
CA ASP D 140 -27.04 2.96 -14.27
C ASP D 140 -28.52 3.23 -13.98
N GLY D 141 -28.78 3.52 -12.71
CA GLY D 141 -30.13 3.73 -12.24
C GLY D 141 -30.94 2.45 -12.23
N THR D 142 -31.83 2.36 -13.22
CA THR D 142 -32.74 1.25 -13.40
C THR D 142 -32.28 0.27 -14.47
N ARG D 143 -31.28 0.61 -15.28
CA ARG D 143 -30.80 -0.28 -16.33
C ARG D 143 -29.38 -0.74 -16.06
N TYR D 144 -29.00 -1.87 -16.65
CA TYR D 144 -27.61 -2.32 -16.59
C TYR D 144 -26.99 -2.02 -17.93
N GLN D 145 -25.87 -1.31 -17.92
CA GLN D 145 -25.13 -1.02 -19.13
C GLN D 145 -23.92 -1.95 -19.25
N MET D 146 -23.90 -2.73 -20.32
CA MET D 146 -22.79 -3.63 -20.61
C MET D 146 -21.68 -2.85 -21.28
N CYS D 147 -20.47 -2.97 -20.75
CA CYS D 147 -19.30 -2.29 -21.30
C CYS D 147 -18.13 -3.25 -21.29
N VAL D 148 -17.12 -2.94 -22.11
CA VAL D 148 -15.96 -3.80 -22.27
C VAL D 148 -14.68 -3.02 -22.08
N MET D 149 -13.74 -3.64 -21.38
CA MET D 149 -12.42 -3.09 -21.09
C MET D 149 -11.42 -3.78 -22.02
N LYS D 150 -10.71 -2.98 -22.81
CA LYS D 150 -9.65 -3.48 -23.69
C LYS D 150 -8.31 -3.19 -23.02
N LEU D 151 -7.68 -4.25 -22.54
CA LEU D 151 -6.41 -4.22 -21.83
C LEU D 151 -5.31 -4.62 -22.79
N GLU D 152 -4.27 -3.80 -22.85
CA GLU D 152 -3.10 -4.10 -23.67
C GLU D 152 -1.89 -4.02 -22.77
N SER D 153 -1.12 -5.09 -22.71
CA SER D 153 0.03 -5.13 -21.81
C SER D 153 1.24 -5.69 -22.53
N TRP D 154 2.38 -5.08 -22.24
CA TRP D 154 3.67 -5.47 -22.79
C TRP D 154 4.60 -5.78 -21.64
N ALA D 155 5.34 -6.87 -21.79
CA ALA D 155 6.38 -7.26 -20.85
C ALA D 155 7.63 -7.49 -21.68
N HIS D 156 8.65 -6.67 -21.46
CA HIS D 156 9.87 -6.78 -22.24
C HIS D 156 11.09 -6.88 -21.34
N VAL D 157 12.05 -7.65 -21.80
CA VAL D 157 13.38 -7.69 -21.20
C VAL D 157 14.28 -7.32 -22.37
N PHE D 158 14.83 -6.12 -22.33
CA PHE D 158 15.71 -5.61 -23.35
C PHE D 158 17.07 -6.29 -23.31
N ARG D 159 17.84 -6.06 -24.38
CA ARG D 159 19.16 -6.65 -24.54
C ARG D 159 20.11 -6.24 -23.42
N ASP D 160 19.76 -5.19 -22.67
CA ASP D 160 20.57 -4.70 -21.56
C ASP D 160 20.09 -5.26 -20.22
N TYR D 161 19.30 -6.32 -20.25
CA TYR D 161 18.71 -6.94 -19.06
C TYR D 161 17.82 -5.98 -18.28
N SER D 162 17.34 -4.93 -18.91
CA SER D 162 16.38 -4.02 -18.29
C SER D 162 15.00 -4.62 -18.53
N VAL D 163 14.10 -4.39 -17.58
CA VAL D 163 12.76 -4.94 -17.70
C VAL D 163 11.75 -3.81 -17.69
N SER D 164 10.71 -3.96 -18.51
CA SER D 164 9.64 -2.99 -18.62
C SER D 164 8.31 -3.72 -18.60
N PHE D 165 7.33 -3.12 -17.93
CA PHE D 165 5.98 -3.64 -17.89
C PHE D 165 5.06 -2.45 -18.18
N GLN D 166 4.43 -2.46 -19.34
CA GLN D 166 3.53 -1.41 -19.76
C GLN D 166 2.11 -1.94 -19.79
N VAL D 167 1.18 -1.17 -19.26
CA VAL D 167 -0.22 -1.55 -19.26
C VAL D 167 -1.04 -0.37 -19.73
N ARG D 168 -2.00 -0.63 -20.61
CA ARG D 168 -2.92 0.36 -21.15
C ARG D 168 -4.32 -0.20 -20.97
N LEU D 169 -4.97 0.24 -19.90
CA LEU D 169 -6.34 -0.15 -19.57
C LEU D 169 -7.29 0.86 -20.21
N THR D 170 -8.33 0.36 -20.87
CA THR D 170 -9.31 1.22 -21.55
C THR D 170 -10.71 0.67 -21.37
N PHE D 171 -11.64 1.56 -21.02
CA PHE D 171 -13.07 1.26 -20.90
C PHE D 171 -13.83 1.83 -22.09
N THR D 172 -14.70 1.02 -22.68
CA THR D 172 -15.52 1.45 -23.80
C THR D 172 -16.90 0.83 -23.69
N GLU D 173 -17.84 1.39 -24.46
CA GLU D 173 -19.16 0.82 -24.64
C GLU D 173 -19.15 -0.24 -25.72
N ALA D 174 -20.01 -1.25 -25.53
CA ALA D 174 -20.12 -2.36 -26.46
C ALA D 174 -20.21 -1.92 -27.93
N ASN D 175 -20.66 -0.70 -28.20
CA ASN D 175 -20.72 -0.19 -29.57
C ASN D 175 -20.20 1.25 -29.66
N ASN D 176 -19.09 1.54 -28.99
CA ASN D 176 -18.44 2.84 -29.10
C ASN D 176 -19.38 4.00 -28.76
N GLN D 177 -20.43 3.72 -27.98
CA GLN D 177 -21.38 4.76 -27.58
C GLN D 177 -20.74 5.76 -26.63
N THR D 178 -21.06 7.03 -26.83
CA THR D 178 -20.57 8.14 -26.00
C THR D 178 -21.46 8.42 -24.80
N TYR D 179 -20.83 8.84 -23.70
CA TYR D 179 -21.53 9.28 -22.49
C TYR D 179 -22.38 8.19 -21.83
N THR D 180 -21.84 6.98 -21.77
CA THR D 180 -22.55 5.88 -21.12
C THR D 180 -22.34 5.96 -19.61
N PHE D 181 -22.55 4.87 -18.88
CA PHE D 181 -22.22 4.82 -17.46
C PHE D 181 -20.95 4.03 -17.16
N CYS D 182 -20.21 3.62 -18.19
CA CYS D 182 -18.90 3.02 -18.02
C CYS D 182 -17.85 4.06 -18.36
N THR D 183 -18.20 4.91 -19.31
CA THR D 183 -17.48 6.12 -19.61
C THR D 183 -18.17 7.16 -18.74
N HIS D 184 -17.41 8.11 -18.23
CA HIS D 184 -17.95 9.14 -17.34
C HIS D 184 -18.78 8.55 -16.20
N PRO D 185 -18.20 7.74 -15.32
CA PRO D 185 -18.97 7.21 -14.19
C PRO D 185 -19.17 8.23 -13.07
N ASN D 186 -18.54 9.40 -13.20
CA ASN D 186 -18.74 10.56 -12.32
C ASN D 186 -18.76 10.21 -10.82
N LEU D 187 -17.59 9.85 -10.31
CA LEU D 187 -17.45 9.50 -8.89
C LEU D 187 -17.13 10.74 -8.06
N ILE D 188 -17.83 10.88 -6.94
CA ILE D 188 -17.58 11.96 -5.98
C ILE D 188 -16.39 11.57 -5.12
N VAL D 189 -15.32 12.36 -5.18
CA VAL D 189 -14.12 12.05 -4.43
C VAL D 189 -13.72 13.26 -3.61
N GLN E 1 -5.52 23.22 -17.09
CA GLN E 1 -6.36 22.37 -16.19
C GLN E 1 -7.53 23.18 -15.65
N CYS E 2 -8.45 22.52 -14.96
CA CYS E 2 -9.63 23.20 -14.44
C CYS E 2 -9.23 24.30 -13.46
N GLN E 3 -9.77 25.50 -13.70
CA GLN E 3 -9.59 26.67 -12.85
C GLN E 3 -10.98 27.12 -12.46
N ARG E 4 -11.45 26.79 -11.26
CA ARG E 4 -12.74 27.34 -10.89
C ARG E 4 -12.69 28.86 -10.91
N GLU E 5 -13.86 29.46 -10.78
CA GLU E 5 -14.07 30.89 -11.00
C GLU E 5 -13.81 31.23 -12.46
N THR E 6 -14.29 30.35 -13.33
CA THR E 6 -14.24 30.54 -14.77
C THR E 6 -15.50 29.87 -15.33
N ALA E 7 -15.76 28.66 -14.84
CA ALA E 7 -16.94 27.89 -15.23
C ALA E 7 -18.16 28.28 -14.43
N GLU E 8 -18.01 28.68 -13.18
CA GLU E 8 -19.15 28.91 -12.31
C GLU E 8 -19.76 30.28 -12.47
N LYS E 9 -19.35 31.04 -13.47
CA LYS E 9 -20.02 32.29 -13.72
C LYS E 9 -21.47 32.03 -14.06
N ASN E 10 -21.74 30.84 -14.62
CA ASN E 10 -23.06 30.39 -15.02
C ASN E 10 -23.55 29.27 -14.12
N ASP E 11 -24.83 29.30 -13.83
CA ASP E 11 -25.49 28.27 -13.05
C ASP E 11 -26.11 27.21 -13.94
N TYR E 12 -26.11 27.45 -15.25
CA TYR E 12 -26.77 26.65 -16.27
C TYR E 12 -25.81 26.31 -17.40
N TYR E 13 -24.52 26.17 -17.09
CA TYR E 13 -23.53 25.80 -18.08
C TYR E 13 -22.35 25.14 -17.39
N ARG E 14 -21.83 24.09 -18.01
CA ARG E 14 -20.63 23.41 -17.53
C ARG E 14 -19.91 22.78 -18.72
N VAL E 15 -18.61 23.01 -18.80
CA VAL E 15 -17.80 22.52 -19.93
C VAL E 15 -17.69 21.01 -19.91
N PRO E 16 -17.53 20.38 -21.08
CA PRO E 16 -17.34 18.92 -21.12
C PRO E 16 -16.15 18.47 -20.28
N HIS E 17 -16.35 17.38 -19.54
CA HIS E 17 -15.35 16.80 -18.65
C HIS E 17 -15.00 17.68 -17.45
N TYR E 18 -15.83 18.67 -17.14
CA TYR E 18 -15.54 19.55 -16.01
C TYR E 18 -15.38 18.77 -14.72
N TRP E 19 -16.29 17.84 -14.45
CA TRP E 19 -16.27 17.05 -13.22
C TRP E 19 -14.93 16.36 -13.00
N ASP E 20 -14.48 15.57 -13.96
CA ASP E 20 -13.22 14.85 -13.79
C ASP E 20 -12.03 15.80 -13.70
N ALA E 21 -12.09 16.95 -14.37
CA ALA E 21 -10.97 17.89 -14.32
C ALA E 21 -10.94 18.63 -12.99
N CYS E 22 -12.10 19.09 -12.53
CA CYS E 22 -12.23 19.85 -11.30
C CYS E 22 -12.52 18.98 -10.07
N SER E 23 -12.46 17.66 -10.21
CA SER E 23 -12.76 16.77 -9.09
C SER E 23 -11.66 16.82 -8.04
N ARG E 24 -12.02 16.44 -6.82
CA ARG E 24 -11.07 16.40 -5.72
C ARG E 24 -9.94 15.42 -6.01
N ALA E 25 -8.71 15.86 -5.78
CA ALA E 25 -7.58 14.98 -5.97
C ALA E 25 -7.64 13.82 -4.97
N LEU E 26 -7.08 12.68 -5.36
CA LEU E 26 -7.11 11.51 -4.50
C LEU E 26 -6.14 11.68 -3.35
N PRO E 27 -6.49 11.25 -2.14
CA PRO E 27 -5.52 11.30 -1.06
C PRO E 27 -4.35 10.39 -1.36
N ASP E 28 -3.15 10.88 -1.05
CA ASP E 28 -1.92 10.16 -1.38
C ASP E 28 -1.98 8.69 -1.01
N GLN E 29 -2.55 8.38 0.15
CA GLN E 29 -2.57 7.01 0.63
C GLN E 29 -3.51 6.14 -0.19
N THR E 30 -4.52 6.74 -0.79
CA THR E 30 -5.46 5.96 -1.59
C THR E 30 -4.95 5.81 -3.01
N ARG E 31 -4.22 6.81 -3.49
CA ARG E 31 -3.58 6.70 -4.79
C ARG E 31 -2.52 5.60 -4.74
N TYR E 32 -1.67 5.62 -3.72
CA TYR E 32 -0.65 4.58 -3.60
C TYR E 32 -1.26 3.20 -3.36
N LYS E 33 -2.24 3.10 -2.46
CA LYS E 33 -2.86 1.80 -2.21
C LYS E 33 -3.47 1.22 -3.48
N TYR E 34 -4.35 1.97 -4.14
CA TYR E 34 -4.97 1.50 -5.37
C TYR E 34 -3.93 1.18 -6.44
N VAL E 35 -2.88 2.00 -6.58
CA VAL E 35 -1.86 1.72 -7.58
C VAL E 35 -1.18 0.39 -7.31
N GLU E 36 -0.72 0.17 -6.08
CA GLU E 36 -0.13 -1.11 -5.71
C GLU E 36 -1.07 -2.28 -5.98
N GLN E 37 -2.34 -2.14 -5.62
CA GLN E 37 -3.30 -3.22 -5.86
C GLN E 37 -3.52 -3.50 -7.34
N LEU E 38 -3.71 -2.46 -8.13
CA LEU E 38 -3.97 -2.65 -9.55
C LEU E 38 -2.75 -3.24 -10.26
N VAL E 39 -1.56 -2.72 -9.98
CA VAL E 39 -0.37 -3.26 -10.63
C VAL E 39 -0.19 -4.71 -10.24
N ASP E 40 -0.40 -5.06 -8.98
CA ASP E 40 -0.24 -6.46 -8.59
C ASP E 40 -1.24 -7.34 -9.31
N LEU E 41 -2.52 -6.96 -9.30
CA LEU E 41 -3.54 -7.77 -9.93
C LEU E 41 -3.25 -7.98 -11.42
N THR E 42 -2.98 -6.88 -12.15
CA THR E 42 -2.68 -6.99 -13.57
C THR E 42 -1.38 -7.74 -13.86
N LEU E 43 -0.35 -7.57 -13.03
CA LEU E 43 0.88 -8.33 -13.28
C LEU E 43 0.66 -9.81 -13.06
N ASN E 44 -0.16 -10.15 -12.06
CA ASN E 44 -0.47 -11.56 -11.82
C ASN E 44 -1.25 -12.14 -12.99
N TYR E 45 -2.15 -11.34 -13.56
CA TYR E 45 -2.90 -11.81 -14.72
C TYR E 45 -1.99 -11.96 -15.93
N HIS E 46 -1.14 -10.97 -16.19
CA HIS E 46 -0.20 -11.08 -17.29
C HIS E 46 0.64 -12.35 -17.18
N TYR E 47 1.16 -12.62 -15.97
CA TYR E 47 1.91 -13.85 -15.74
C TYR E 47 1.10 -15.08 -16.10
N ASP E 48 -0.11 -15.19 -15.55
CA ASP E 48 -0.95 -16.34 -15.88
C ASP E 48 -1.19 -16.44 -17.38
N ALA E 49 -1.59 -15.33 -18.00
CA ALA E 49 -1.83 -15.28 -19.44
C ALA E 49 -0.64 -15.81 -20.24
N SER E 50 0.58 -15.44 -19.85
CA SER E 50 1.75 -15.95 -20.57
C SER E 50 1.78 -17.46 -20.59
N HIS E 51 1.56 -18.09 -19.44
CA HIS E 51 1.57 -19.56 -19.36
C HIS E 51 0.34 -20.20 -19.98
N GLY E 52 -0.55 -19.40 -20.58
CA GLY E 52 -1.76 -19.90 -21.20
C GLY E 52 -2.89 -20.20 -20.25
N LEU E 53 -2.89 -19.59 -19.07
CA LEU E 53 -3.89 -19.81 -18.04
C LEU E 53 -4.65 -18.50 -17.89
N ASP E 54 -5.83 -18.41 -18.50
CA ASP E 54 -6.64 -17.19 -18.41
C ASP E 54 -7.35 -17.19 -17.07
N ASN E 55 -6.62 -16.73 -16.05
CA ASN E 55 -7.09 -16.85 -14.67
C ASN E 55 -8.14 -15.79 -14.37
N PHE E 56 -9.40 -16.23 -14.28
CA PHE E 56 -10.50 -15.34 -14.01
C PHE E 56 -10.52 -14.89 -12.55
N ASP E 57 -9.92 -15.69 -11.67
CA ASP E 57 -9.91 -15.37 -10.24
C ASP E 57 -9.19 -14.06 -9.98
N VAL E 58 -8.09 -13.81 -10.68
CA VAL E 58 -7.38 -12.54 -10.52
C VAL E 58 -8.16 -11.40 -11.17
N LEU E 59 -8.83 -11.68 -12.30
CA LEU E 59 -9.56 -10.63 -12.99
C LEU E 59 -10.70 -10.08 -12.16
N LYS E 60 -11.53 -10.95 -11.58
CA LYS E 60 -12.68 -10.49 -10.81
C LYS E 60 -12.31 -9.51 -9.72
N ARG E 61 -11.08 -9.56 -9.22
CA ARG E 61 -10.65 -8.66 -8.17
C ARG E 61 -10.43 -7.22 -8.62
N ILE E 62 -10.48 -6.92 -9.91
CA ILE E 62 -10.24 -5.55 -10.37
C ILE E 62 -11.48 -4.71 -10.10
N ASN E 63 -11.31 -3.62 -9.36
CA ASN E 63 -12.39 -2.70 -9.02
C ASN E 63 -12.30 -1.51 -9.96
N VAL E 64 -13.33 -1.32 -10.79
CA VAL E 64 -13.27 -0.26 -11.78
C VAL E 64 -13.25 1.12 -11.13
N THR E 65 -13.78 1.25 -9.92
CA THR E 65 -13.75 2.54 -9.25
C THR E 65 -12.33 2.98 -8.98
N GLU E 66 -11.50 2.07 -8.47
CA GLU E 66 -10.11 2.40 -8.17
C GLU E 66 -9.39 2.89 -9.43
N VAL E 67 -9.49 2.14 -10.53
CA VAL E 67 -8.81 2.51 -11.76
C VAL E 67 -9.36 3.83 -12.31
N SER E 68 -10.69 3.96 -12.40
CA SER E 68 -11.26 5.22 -12.87
C SER E 68 -10.77 6.41 -12.04
N LEU E 69 -10.68 6.25 -10.72
CA LEU E 69 -10.19 7.34 -9.90
C LEU E 69 -8.73 7.61 -10.18
N LEU E 70 -7.94 6.56 -10.40
CA LEU E 70 -6.56 6.79 -10.79
C LEU E 70 -6.50 7.56 -12.11
N ILE E 71 -7.39 7.24 -13.05
CA ILE E 71 -7.44 7.99 -14.29
C ILE E 71 -7.63 9.46 -14.00
N SER E 72 -8.54 9.76 -13.08
CA SER E 72 -8.79 11.14 -12.71
C SER E 72 -7.55 11.80 -12.11
N ASP E 73 -6.78 11.03 -11.36
CA ASP E 73 -5.59 11.58 -10.71
C ASP E 73 -4.43 11.74 -11.67
N PHE E 74 -4.24 10.80 -12.58
CA PHE E 74 -3.12 10.90 -13.51
C PHE E 74 -3.41 11.89 -14.64
N ARG E 75 -4.69 12.18 -14.89
CA ARG E 75 -5.04 13.21 -15.87
C ARG E 75 -4.92 14.55 -15.19
N ARG E 76 -5.28 14.55 -13.91
CA ARG E 76 -5.16 15.73 -13.05
C ARG E 76 -3.69 16.12 -13.00
N GLN E 77 -2.85 15.24 -12.46
CA GLN E 77 -1.40 15.41 -12.42
C GLN E 77 -0.78 14.08 -12.79
N ASN E 78 0.00 14.03 -13.87
CA ASN E 78 0.69 12.78 -14.18
C ASN E 78 1.78 12.56 -13.15
N ARG E 79 2.12 11.29 -12.92
CA ARG E 79 3.12 10.95 -11.92
C ARG E 79 4.28 10.20 -12.58
N ARG E 80 5.36 10.10 -11.82
CA ARG E 80 6.60 9.50 -12.29
C ARG E 80 7.37 9.04 -11.06
N GLY E 81 8.56 8.50 -11.30
CA GLY E 81 9.38 8.05 -10.18
C GLY E 81 10.83 7.82 -10.54
N GLY E 82 11.66 8.83 -10.32
CA GLY E 82 13.08 8.74 -10.63
C GLY E 82 13.66 10.09 -11.00
N ARG E 86 16.58 8.44 -15.59
CA ARG E 86 16.14 7.04 -15.51
C ARG E 86 14.96 6.92 -14.56
N THR E 87 13.78 7.33 -15.05
CA THR E 87 12.56 7.28 -14.25
C THR E 87 12.01 5.86 -14.19
N THR E 88 11.79 5.37 -12.97
CA THR E 88 11.32 4.00 -12.76
C THR E 88 9.81 3.88 -12.76
N PHE E 89 9.08 4.98 -12.88
CA PHE E 89 7.63 4.93 -12.95
C PHE E 89 7.14 6.09 -13.80
N ASN E 90 5.99 5.88 -14.45
CA ASN E 90 5.38 6.89 -15.32
C ASN E 90 3.94 6.49 -15.52
N ALA E 91 3.00 7.35 -15.11
CA ALA E 91 1.59 7.05 -15.32
C ALA E 91 0.87 8.27 -15.90
N ALA E 92 -0.23 7.99 -16.58
CA ALA E 92 -0.96 9.04 -17.28
C ALA E 92 -2.39 8.60 -17.52
N GLY E 93 -3.29 9.58 -17.52
CA GLY E 93 -4.71 9.34 -17.76
C GLY E 93 -5.20 10.10 -18.97
N SER E 94 -6.09 9.48 -19.73
CA SER E 94 -6.69 10.11 -20.89
C SER E 94 -8.21 10.00 -20.79
N LEU E 95 -8.89 11.01 -21.30
CA LEU E 95 -10.35 11.10 -21.25
C LEU E 95 -10.87 11.58 -22.59
N ALA E 96 -11.46 10.69 -23.37
CA ALA E 96 -12.14 11.05 -24.60
C ALA E 96 -13.64 10.81 -24.43
N PRO E 97 -14.46 11.48 -25.23
CA PRO E 97 -15.92 11.31 -25.11
C PRO E 97 -16.39 9.90 -25.36
N HIS E 98 -15.63 9.06 -26.06
CA HIS E 98 -16.05 7.69 -26.28
C HIS E 98 -15.29 6.69 -25.41
N ALA E 99 -14.20 7.08 -24.77
CA ALA E 99 -13.45 6.11 -23.98
C ALA E 99 -12.61 6.85 -22.95
N ARG E 100 -12.36 6.17 -21.83
CA ARG E 100 -11.46 6.70 -20.81
C ARG E 100 -10.40 5.65 -20.56
N SER E 101 -9.14 6.07 -20.44
CA SER E 101 -8.03 5.13 -20.32
C SER E 101 -6.96 5.58 -19.34
N LEU E 102 -6.23 4.58 -18.83
CA LEU E 102 -5.14 4.76 -17.89
C LEU E 102 -3.97 3.97 -18.43
N GLU E 103 -2.80 4.60 -18.46
CA GLU E 103 -1.59 3.98 -18.98
C GLU E 103 -0.46 4.22 -18.01
N PHE E 104 -0.02 3.16 -17.34
CA PHE E 104 1.11 3.25 -16.43
C PHE E 104 2.22 2.33 -16.92
N SER E 105 3.43 2.63 -16.46
CA SER E 105 4.61 1.89 -16.86
C SER E 105 5.57 1.91 -15.68
N VAL E 106 5.91 0.73 -15.18
CA VAL E 106 6.87 0.59 -14.11
C VAL E 106 8.04 -0.14 -14.72
N ARG E 107 9.19 0.52 -14.77
CA ARG E 107 10.40 -0.07 -15.29
C ARG E 107 11.44 -0.19 -14.19
N LEU E 108 12.25 -1.23 -14.30
CA LEU E 108 13.31 -1.50 -13.35
C LEU E 108 14.56 -1.81 -14.15
N PHE E 109 15.72 -1.49 -13.58
CA PHE E 109 16.98 -1.68 -14.28
C PHE E 109 17.90 -2.60 -13.50
N ALA E 110 18.62 -3.43 -14.24
CA ALA E 110 19.60 -4.35 -13.69
C ALA E 110 21.03 -3.86 -13.88
N ASN E 111 21.33 -3.30 -15.05
CA ASN E 111 22.66 -2.78 -15.32
C ASN E 111 22.95 -1.57 -14.45
N LEU F 1 8.13 -12.95 19.54
CA LEU F 1 9.48 -13.55 19.77
C LEU F 1 9.38 -15.04 20.04
N VAL F 2 10.38 -15.78 19.58
CA VAL F 2 10.47 -17.22 19.71
C VAL F 2 11.88 -17.51 20.19
N GLU F 3 12.01 -18.20 21.34
CA GLU F 3 13.31 -18.46 21.92
C GLU F 3 13.53 -19.94 22.17
N LEU F 4 14.74 -20.38 21.81
CA LEU F 4 15.21 -21.76 21.95
C LEU F 4 16.55 -21.67 22.66
N VAL F 5 16.63 -22.17 23.89
CA VAL F 5 17.85 -22.09 24.68
C VAL F 5 18.42 -23.48 24.93
N GLU F 6 19.59 -23.75 24.35
CA GLU F 6 20.29 -25.03 24.49
C GLU F 6 21.10 -25.06 25.78
N SER F 7 21.18 -26.24 26.39
CA SER F 7 21.94 -26.47 27.61
C SER F 7 22.29 -27.95 27.69
N GLY F 8 23.00 -28.33 28.74
CA GLY F 8 23.49 -29.70 28.89
C GLY F 8 24.52 -30.20 27.88
N GLY F 9 25.44 -29.35 27.46
CA GLY F 9 26.48 -29.75 26.53
C GLY F 9 27.89 -29.57 27.06
N GLY F 10 28.62 -30.68 27.27
CA GLY F 10 29.97 -30.63 27.79
C GLY F 10 31.00 -31.41 26.99
N VAL F 11 32.07 -31.89 27.66
CA VAL F 11 33.16 -32.61 27.01
C VAL F 11 33.31 -34.01 27.60
N VAL F 12 33.24 -35.01 26.72
CA VAL F 12 33.38 -36.41 27.13
C VAL F 12 34.38 -37.09 26.20
N GLN F 13 35.01 -38.13 26.69
CA GLN F 13 35.87 -39.01 25.89
C GLN F 13 34.96 -39.94 25.09
N PRO F 14 35.51 -40.72 24.17
CA PRO F 14 34.66 -41.67 23.44
C PRO F 14 34.04 -42.68 24.37
N GLY F 15 32.93 -43.28 23.93
CA GLY F 15 32.22 -44.28 24.70
C GLY F 15 31.29 -43.70 25.75
N ARG F 16 31.58 -42.49 26.22
CA ARG F 16 30.71 -41.78 27.15
C ARG F 16 29.56 -41.14 26.38
N SER F 17 28.63 -40.55 27.11
CA SER F 17 27.42 -39.99 26.52
C SER F 17 27.16 -38.58 27.01
N LEU F 18 26.61 -37.77 26.12
CA LEU F 18 26.26 -36.38 26.40
C LEU F 18 24.76 -36.23 26.17
N ARG F 19 24.09 -35.34 26.89
CA ARG F 19 22.64 -35.16 26.69
C ARG F 19 22.28 -33.70 26.60
N LEU F 20 22.09 -33.23 25.37
CA LEU F 20 21.73 -31.84 25.13
C LEU F 20 20.24 -31.66 25.40
N SER F 21 19.87 -30.43 25.74
CA SER F 21 18.49 -30.06 26.01
C SER F 21 18.23 -28.71 25.37
N CYS F 22 16.97 -28.45 25.03
CA CYS F 22 16.57 -27.19 24.44
C CYS F 22 15.23 -26.78 25.04
N ALA F 23 15.24 -25.60 25.67
CA ALA F 23 14.09 -25.01 26.31
C ALA F 23 13.39 -24.13 25.28
N ALA F 24 12.14 -24.46 24.96
CA ALA F 24 11.40 -23.79 23.90
C ALA F 24 10.33 -22.88 24.50
N SER F 25 10.20 -21.69 23.93
CA SER F 25 9.20 -20.73 24.35
C SER F 25 8.83 -19.85 23.18
N GLY F 26 7.60 -19.35 23.18
CA GLY F 26 7.04 -18.56 22.10
C GLY F 26 6.13 -19.39 21.22
N PHE F 27 6.00 -20.67 21.51
CA PHE F 27 5.17 -21.59 20.74
C PHE F 27 4.81 -22.78 21.62
N THR F 28 3.69 -23.43 21.30
CA THR F 28 3.21 -24.53 22.15
C THR F 28 4.05 -25.80 22.06
N PHE F 29 5.14 -25.79 21.30
CA PHE F 29 6.00 -26.96 21.16
C PHE F 29 5.31 -28.20 20.62
N SER F 30 4.02 -28.12 20.32
CA SER F 30 3.27 -29.27 19.83
C SER F 30 2.95 -29.17 18.34
N SER F 31 2.77 -27.96 17.84
CA SER F 31 2.41 -27.76 16.44
C SER F 31 3.55 -28.08 15.47
N ASP F 32 4.81 -27.88 15.86
CA ASP F 32 5.91 -28.13 14.95
C ASP F 32 7.05 -28.98 15.52
N GLY F 33 7.81 -29.51 14.57
CA GLY F 33 8.92 -30.41 14.80
C GLY F 33 10.20 -29.72 15.24
N MET F 34 11.06 -30.48 15.91
CA MET F 34 12.36 -29.99 16.34
C MET F 34 13.46 -30.73 15.59
N HIS F 35 14.62 -30.09 15.46
CA HIS F 35 15.77 -30.66 14.77
C HIS F 35 17.06 -30.29 15.48
N TRP F 36 18.12 -31.00 15.11
CA TRP F 36 19.48 -30.70 15.53
C TRP F 36 20.38 -30.60 14.31
N VAL F 37 21.13 -29.52 14.20
CA VAL F 37 22.06 -29.31 13.09
C VAL F 37 23.42 -28.94 13.68
N ARG F 38 24.44 -29.68 13.31
CA ARG F 38 25.78 -29.42 13.81
C ARG F 38 26.66 -28.78 12.76
N GLN F 39 27.62 -27.99 13.23
CA GLN F 39 28.57 -27.29 12.39
C GLN F 39 29.97 -27.39 12.96
N SER F 40 30.81 -28.20 12.33
CA SER F 40 32.21 -28.29 12.73
C SER F 40 32.92 -26.99 12.38
N PRO F 41 33.83 -26.51 13.21
CA PRO F 41 34.55 -25.27 12.88
C PRO F 41 35.17 -25.29 11.49
N GLY F 42 34.84 -24.28 10.69
CA GLY F 42 35.36 -24.21 9.33
C GLY F 42 34.89 -25.28 8.39
N ARG F 43 33.81 -25.98 8.70
CA ARG F 43 33.24 -26.99 7.84
C ARG F 43 31.77 -26.69 7.61
N GLY F 44 31.17 -27.39 6.65
CA GLY F 44 29.78 -27.17 6.36
C GLY F 44 28.86 -27.65 7.46
N LEU F 45 27.59 -27.38 7.25
CA LEU F 45 26.56 -27.83 8.16
C LEU F 45 26.24 -29.30 7.90
N GLU F 46 25.81 -29.97 8.96
CA GLU F 46 25.44 -31.37 8.90
C GLU F 46 24.15 -31.54 9.68
N TRP F 47 23.14 -32.13 9.06
CA TRP F 47 21.93 -32.46 9.81
C TRP F 47 22.22 -33.65 10.73
N VAL F 48 21.66 -33.62 11.94
CA VAL F 48 21.84 -34.71 12.90
C VAL F 48 20.57 -35.52 13.11
N ALA F 49 19.53 -34.92 13.68
CA ALA F 49 18.31 -35.68 13.94
C ALA F 49 17.07 -34.80 13.87
N PHE F 50 15.93 -35.48 13.68
CA PHE F 50 14.60 -34.89 13.65
C PHE F 50 13.64 -35.76 14.45
N ILE F 51 12.75 -35.11 15.20
CA ILE F 51 11.68 -35.78 15.93
C ILE F 51 10.35 -35.20 15.49
N SER F 52 9.40 -36.08 15.19
CA SER F 52 8.06 -35.71 14.74
C SER F 52 7.30 -34.99 15.86
N SER F 53 6.27 -34.24 15.44
CA SER F 53 5.47 -33.47 16.36
C SER F 53 4.98 -34.31 17.54
N ASP F 54 4.59 -35.56 17.29
CA ASP F 54 4.10 -36.45 18.34
C ASP F 54 5.17 -37.40 18.85
N GLY F 55 6.44 -37.12 18.57
CA GLY F 55 7.54 -37.99 18.99
C GLY F 55 7.41 -39.45 18.60
N SER F 56 6.47 -39.77 17.73
CA SER F 56 6.29 -41.17 17.36
C SER F 56 7.32 -41.63 16.34
N THR F 57 7.82 -40.74 15.48
CA THR F 57 8.76 -41.13 14.44
C THR F 57 10.02 -40.26 14.50
N PRO F 58 11.16 -40.85 14.83
CA PRO F 58 12.43 -40.12 14.77
C PRO F 58 13.24 -40.52 13.54
N TYR F 59 14.03 -39.55 13.04
CA TYR F 59 14.90 -39.77 11.89
C TYR F 59 16.30 -39.26 12.20
N TYR F 60 17.30 -39.91 11.62
CA TYR F 60 18.69 -39.58 11.92
C TYR F 60 19.52 -39.65 10.65
N ALA F 61 20.66 -38.98 10.68
CA ALA F 61 21.60 -39.02 9.58
C ALA F 61 22.36 -40.34 9.57
N ASP F 62 22.73 -40.79 8.37
CA ASP F 62 23.44 -42.05 8.22
C ASP F 62 24.76 -42.06 8.97
N SER F 63 25.49 -40.94 8.96
CA SER F 63 26.74 -40.81 9.70
C SER F 63 26.59 -40.86 11.21
N VAL F 64 25.38 -40.91 11.74
CA VAL F 64 25.16 -40.89 13.18
C VAL F 64 24.18 -41.97 13.63
N LYS F 65 23.57 -42.67 12.68
CA LYS F 65 22.52 -43.62 13.02
C LYS F 65 23.00 -44.70 13.97
N GLY F 66 22.10 -45.07 14.88
CA GLY F 66 22.32 -46.03 15.94
C GLY F 66 22.74 -45.42 17.26
N ARG F 67 23.68 -44.49 17.25
CA ARG F 67 24.23 -43.89 18.46
C ARG F 67 23.27 -42.98 19.22
N PHE F 68 22.61 -42.05 18.53
CA PHE F 68 21.81 -40.99 19.14
C PHE F 68 20.32 -41.34 19.26
N THR F 69 19.67 -40.67 20.22
CA THR F 69 18.24 -40.84 20.48
C THR F 69 17.60 -39.51 20.85
N ILE F 70 16.75 -39.00 19.97
CA ILE F 70 16.02 -37.75 20.12
C ILE F 70 14.72 -37.98 20.88
N SER F 71 14.33 -37.02 21.72
CA SER F 71 13.07 -37.13 22.45
C SER F 71 12.50 -35.74 22.69
N ARG F 72 11.20 -35.69 22.97
CA ARG F 72 10.50 -34.44 23.23
C ARG F 72 9.34 -34.68 24.19
N ASP F 73 8.99 -33.65 24.95
CA ASP F 73 7.85 -33.70 25.86
C ASP F 73 6.81 -32.63 25.51
N ASN F 74 5.77 -33.04 24.77
CA ASN F 74 4.73 -32.10 24.37
C ASN F 74 4.04 -31.45 25.56
N SER F 75 4.11 -32.05 26.75
CA SER F 75 3.53 -31.43 27.94
C SER F 75 4.46 -30.40 28.55
N LYS F 76 5.77 -30.67 28.58
CA LYS F 76 6.72 -29.74 29.15
C LYS F 76 7.20 -28.69 28.16
N ASN F 77 6.92 -28.88 26.88
CA ASN F 77 7.42 -28.00 25.81
C ASN F 77 8.95 -27.94 25.84
N THR F 78 9.57 -29.13 25.97
CA THR F 78 11.03 -29.24 26.05
C THR F 78 11.53 -30.32 25.08
N LEU F 79 12.77 -30.11 24.61
CA LEU F 79 13.45 -31.00 23.67
C LEU F 79 14.72 -31.58 24.28
N TYR F 80 14.89 -32.90 24.21
CA TYR F 80 16.16 -33.49 24.59
C TYR F 80 16.75 -34.30 23.45
N LEU F 81 18.07 -34.47 23.50
CA LEU F 81 18.82 -35.30 22.54
C LEU F 81 19.96 -35.98 23.29
N GLN F 82 19.82 -37.30 23.45
CA GLN F 82 20.82 -38.15 24.09
C GLN F 82 21.80 -38.72 23.09
N MET F 83 23.06 -38.35 23.23
CA MET F 83 24.14 -38.77 22.35
C MET F 83 24.86 -39.88 23.11
N ASN F 84 24.31 -41.10 22.99
CA ASN F 84 24.84 -42.32 23.58
C ASN F 84 25.85 -42.98 22.64
N SER F 85 26.72 -43.78 23.24
CA SER F 85 27.81 -44.45 22.53
C SER F 85 28.54 -43.49 21.58
N LEU F 86 29.35 -42.51 22.05
CA LEU F 86 29.95 -41.54 21.12
C LEU F 86 31.05 -41.48 19.93
N ARG F 87 32.32 -41.95 20.02
CA ARG F 87 33.43 -41.81 18.95
C ARG F 87 34.26 -40.48 18.47
N ALA F 88 34.77 -40.58 17.32
CA ALA F 88 35.50 -39.52 16.75
C ALA F 88 34.80 -38.42 15.92
N GLU F 89 34.39 -37.33 16.50
CA GLU F 89 33.77 -36.42 15.52
C GLU F 89 34.26 -35.02 15.84
N ASP F 90 34.72 -34.31 14.81
CA ASP F 90 35.21 -32.94 14.95
C ASP F 90 34.09 -31.91 15.08
N THR F 91 32.87 -32.26 14.68
CA THR F 91 31.74 -31.33 14.74
C THR F 91 31.57 -30.77 16.15
N ALA F 92 31.74 -29.45 16.27
CA ALA F 92 31.71 -28.76 17.55
C ALA F 92 30.37 -28.13 17.91
N MET F 93 29.84 -27.20 17.12
CA MET F 93 28.60 -26.53 17.51
C MET F 93 27.34 -27.29 17.13
N TYR F 94 26.54 -27.65 18.14
CA TYR F 94 25.24 -28.30 17.94
C TYR F 94 24.13 -27.30 18.19
N PHE F 95 23.29 -27.07 17.16
CA PHE F 95 22.22 -26.10 17.24
C PHE F 95 20.85 -26.75 17.25
N CYS F 96 20.00 -26.29 18.17
CA CYS F 96 18.62 -26.74 18.30
C CYS F 96 17.84 -25.86 17.35
N ALA F 97 17.01 -26.44 16.50
CA ALA F 97 16.26 -25.63 15.55
C ALA F 97 14.79 -26.03 15.46
N LYS F 98 13.94 -25.00 15.45
CA LYS F 98 12.51 -25.16 15.30
C LYS F 98 12.23 -25.11 13.81
N ASP F 99 11.27 -25.90 13.36
CA ASP F 99 10.90 -25.95 11.96
C ASP F 99 9.50 -25.40 11.73
N TRP F 100 9.12 -25.37 10.46
CA TRP F 100 7.83 -24.89 10.02
C TRP F 100 7.48 -25.63 8.75
N ALA F 101 6.27 -26.18 8.71
CA ALA F 101 5.79 -26.94 7.56
C ALA F 101 5.14 -25.99 6.55
N LEU F 102 5.74 -25.89 5.38
CA LEU F 102 5.10 -25.18 4.28
C LEU F 102 3.90 -25.95 3.77
N PHE F 103 4.06 -27.27 3.68
CA PHE F 103 3.04 -28.21 3.25
C PHE F 103 3.34 -29.53 3.96
N ARG F 104 2.42 -30.48 3.86
CA ARG F 104 2.55 -31.75 4.55
C ARG F 104 4.00 -32.27 4.59
N TRP F 105 4.64 -32.44 3.43
CA TRP F 105 6.02 -32.91 3.39
C TRP F 105 7.04 -31.84 3.01
N LEU F 106 6.74 -30.57 3.26
CA LEU F 106 7.67 -29.48 2.98
C LEU F 106 7.90 -28.68 4.27
N ARG F 107 8.95 -29.03 5.02
CA ARG F 107 9.26 -28.32 6.26
C ARG F 107 10.76 -28.10 6.35
N THR F 108 11.16 -26.95 6.91
CA THR F 108 12.55 -26.56 7.00
C THR F 108 12.75 -25.81 8.31
N PHE F 109 14.02 -25.60 8.66
CA PHE F 109 14.37 -24.92 9.90
C PHE F 109 13.97 -23.45 9.87
N ASP F 110 13.15 -23.04 10.84
CA ASP F 110 12.65 -21.67 10.93
C ASP F 110 13.38 -20.83 11.96
N HIS F 111 13.70 -21.40 13.11
CA HIS F 111 14.36 -20.64 14.17
C HIS F 111 15.53 -21.43 14.76
N TRP F 112 16.61 -20.74 15.09
CA TRP F 112 17.79 -21.39 15.64
C TRP F 112 18.18 -20.81 16.99
N GLY F 113 18.55 -21.71 17.90
CA GLY F 113 19.07 -21.37 19.20
C GLY F 113 20.54 -21.03 19.10
N GLN F 114 21.09 -20.50 20.18
CA GLN F 114 22.48 -20.02 20.12
C GLN F 114 23.46 -21.18 20.00
N GLY F 115 22.99 -22.42 20.18
CA GLY F 115 23.82 -23.60 20.07
C GLY F 115 24.80 -23.84 21.19
N THR F 116 24.99 -25.12 21.53
CA THR F 116 25.94 -25.58 22.53
C THR F 116 27.15 -26.19 21.85
N LEU F 117 28.35 -25.92 22.38
CA LEU F 117 29.56 -26.50 21.84
C LEU F 117 29.90 -27.81 22.55
N VAL F 118 30.01 -28.89 21.77
CA VAL F 118 30.33 -30.20 22.29
C VAL F 118 31.63 -30.67 21.64
N THR F 119 32.63 -30.98 22.47
CA THR F 119 33.90 -31.51 21.99
C THR F 119 34.01 -32.93 22.51
N VAL F 120 34.30 -33.87 21.63
CA VAL F 120 34.44 -35.26 22.00
C VAL F 120 35.83 -35.73 21.64
N SER F 121 36.64 -36.03 22.65
CA SER F 121 38.02 -36.44 22.43
C SER F 121 38.55 -37.00 23.74
N SER F 122 39.55 -37.87 23.64
CA SER F 122 40.14 -38.46 24.82
C SER F 122 40.99 -37.41 25.55
N GLU G 1 20.17 -37.86 -1.14
CA GLU G 1 19.72 -37.99 -2.55
C GLU G 1 20.13 -36.80 -3.40
N THR G 2 20.19 -35.61 -2.79
CA THR G 2 20.59 -34.40 -3.50
C THR G 2 21.62 -33.67 -2.65
N VAL G 3 22.86 -33.61 -3.13
CA VAL G 3 23.93 -32.89 -2.45
C VAL G 3 24.02 -31.51 -3.11
N MET G 4 24.01 -30.47 -2.29
CA MET G 4 24.05 -29.10 -2.79
C MET G 4 25.48 -28.59 -2.78
N THR G 5 25.90 -27.96 -3.88
CA THR G 5 27.25 -27.42 -3.99
C THR G 5 27.17 -25.93 -4.23
N GLN G 6 28.05 -25.17 -3.62
CA GLN G 6 28.02 -23.72 -3.69
C GLN G 6 29.33 -23.17 -4.20
N SER G 7 29.24 -22.02 -4.88
CA SER G 7 30.44 -21.41 -5.41
C SER G 7 30.28 -19.91 -5.59
N PRO G 8 31.36 -19.12 -5.42
CA PRO G 8 32.71 -19.50 -5.00
C PRO G 8 32.83 -19.71 -3.49
N ALA G 9 34.00 -20.14 -3.01
CA ALA G 9 34.16 -20.29 -1.57
C ALA G 9 34.25 -18.93 -0.87
N THR G 10 34.92 -17.97 -1.50
CA THR G 10 34.98 -16.61 -1.00
C THR G 10 34.75 -15.66 -2.16
N LEU G 11 33.96 -14.61 -1.95
CA LEU G 11 33.64 -13.65 -3.00
C LEU G 11 33.90 -12.25 -2.47
N SER G 12 34.82 -11.54 -3.13
CA SER G 12 35.20 -10.19 -2.72
C SER G 12 34.39 -9.15 -3.48
N VAL G 13 33.52 -8.45 -2.77
CA VAL G 13 32.64 -7.43 -3.33
C VAL G 13 32.90 -6.12 -2.61
N SER G 14 33.03 -5.04 -3.37
CA SER G 14 33.26 -3.75 -2.73
C SER G 14 31.96 -3.28 -2.09
N PRO G 15 32.04 -2.53 -0.99
CA PRO G 15 30.82 -2.08 -0.31
C PRO G 15 29.82 -1.47 -1.27
N GLY G 16 28.55 -1.75 -1.03
CA GLY G 16 27.52 -1.26 -1.91
C GLY G 16 27.47 -1.93 -3.25
N GLY G 17 28.25 -2.98 -3.47
CA GLY G 17 28.28 -3.68 -4.73
C GLY G 17 27.19 -4.73 -4.79
N ARG G 18 27.20 -5.50 -5.87
CA ARG G 18 26.22 -6.55 -6.05
C ARG G 18 26.95 -7.88 -6.19
N ALA G 19 26.58 -8.83 -5.34
CA ALA G 19 27.17 -10.16 -5.29
C ALA G 19 26.16 -11.20 -5.77
N THR G 20 26.57 -12.05 -6.71
CA THR G 20 25.76 -13.15 -7.22
C THR G 20 26.46 -14.44 -6.85
N LEU G 21 25.98 -15.07 -5.78
CA LEU G 21 26.53 -16.30 -5.21
C LEU G 21 25.72 -17.48 -5.72
N SER G 22 26.40 -18.48 -6.28
CA SER G 22 25.73 -19.60 -6.90
C SER G 22 25.63 -20.82 -5.99
N CYS G 23 24.57 -21.58 -6.25
CA CYS G 23 24.20 -22.81 -5.58
C CYS G 23 23.67 -23.70 -6.68
N ARG G 24 24.22 -24.89 -6.78
CA ARG G 24 23.92 -25.83 -7.84
C ARG G 24 23.49 -27.13 -7.21
N ALA G 25 22.39 -27.70 -7.70
CA ALA G 25 21.89 -28.93 -7.13
C ALA G 25 22.36 -30.13 -7.93
N SER G 26 22.85 -31.12 -7.21
CA SER G 26 23.27 -32.40 -7.76
C SER G 26 22.11 -33.18 -8.35
N GLN G 27 20.91 -32.95 -7.83
CA GLN G 27 19.73 -33.67 -8.26
C GLN G 27 18.54 -32.73 -8.09
N SER G 28 17.46 -33.03 -8.80
CA SER G 28 16.34 -32.10 -8.84
C SER G 28 15.92 -31.66 -7.45
N VAL G 29 15.75 -30.35 -7.30
CA VAL G 29 15.28 -29.75 -6.06
C VAL G 29 13.97 -29.00 -6.23
N GLY G 30 13.52 -28.80 -7.47
CA GLY G 30 12.28 -28.10 -7.73
C GLY G 30 12.35 -26.65 -7.28
N ILE G 31 11.45 -26.25 -6.38
CA ILE G 31 11.46 -24.92 -5.78
C ILE G 31 11.65 -24.97 -4.28
N ASN G 32 12.13 -26.11 -3.76
CA ASN G 32 12.31 -26.34 -2.34
C ASN G 32 13.69 -25.94 -1.84
N LEU G 33 14.05 -24.67 -2.03
CA LEU G 33 15.37 -24.20 -1.63
C LEU G 33 15.24 -23.03 -0.68
N ALA G 34 16.06 -23.05 0.37
CA ALA G 34 16.09 -21.99 1.37
C ALA G 34 17.53 -21.53 1.58
N TRP G 35 17.69 -20.23 1.80
CA TRP G 35 18.99 -19.64 2.12
C TRP G 35 19.00 -19.16 3.56
N TYR G 36 20.11 -19.39 4.25
CA TYR G 36 20.33 -18.98 5.63
C TYR G 36 21.57 -18.11 5.74
N GLN G 37 21.48 -17.06 6.56
CA GLN G 37 22.59 -16.15 6.81
C GLN G 37 23.16 -16.45 8.18
N GLN G 38 24.50 -16.51 8.26
CA GLN G 38 25.16 -16.81 9.52
C GLN G 38 26.32 -15.85 9.73
N LYS G 39 26.11 -14.81 10.56
CA LYS G 39 27.12 -13.85 11.03
C LYS G 39 28.03 -14.53 12.06
N PRO G 40 29.31 -14.17 12.10
CA PRO G 40 30.26 -14.85 12.99
C PRO G 40 29.81 -14.95 14.45
N GLY G 41 29.95 -16.14 15.01
CA GLY G 41 29.62 -16.38 16.40
C GLY G 41 28.15 -16.23 16.76
N GLN G 42 27.26 -16.42 15.79
CA GLN G 42 25.83 -16.31 16.03
C GLN G 42 25.12 -17.48 15.38
N ALA G 43 23.89 -17.70 15.79
CA ALA G 43 23.13 -18.79 15.23
C ALA G 43 22.63 -18.41 13.85
N PRO G 44 22.45 -19.38 12.94
CA PRO G 44 21.92 -19.05 11.63
C PRO G 44 20.52 -18.46 11.73
N ARG G 45 20.19 -17.65 10.73
CA ARG G 45 18.91 -16.97 10.63
C ARG G 45 18.33 -17.27 9.26
N LEU G 46 17.05 -17.66 9.22
CA LEU G 46 16.43 -17.89 7.93
C LEU G 46 16.46 -16.59 7.14
N LEU G 47 17.01 -16.65 5.93
CA LEU G 47 17.13 -15.49 5.07
C LEU G 47 16.11 -15.48 3.94
N ILE G 48 16.06 -16.54 3.14
CA ILE G 48 15.13 -16.61 2.02
C ILE G 48 14.48 -17.98 2.07
N TYR G 49 13.21 -18.06 1.73
CA TYR G 49 12.51 -19.33 1.63
C TYR G 49 11.76 -19.33 0.31
N GLY G 50 11.43 -20.52 -0.17
CA GLY G 50 11.01 -20.65 -1.55
C GLY G 50 12.21 -20.25 -2.40
N ALA G 51 12.08 -20.40 -3.70
CA ALA G 51 13.20 -20.03 -4.54
C ALA G 51 13.48 -18.53 -4.54
N SER G 52 12.53 -17.71 -4.08
CA SER G 52 12.70 -16.28 -4.18
C SER G 52 12.21 -15.47 -2.98
N THR G 53 11.31 -15.98 -2.14
CA THR G 53 10.74 -15.15 -1.09
C THR G 53 11.71 -14.96 0.07
N ARG G 54 11.98 -13.69 0.39
CA ARG G 54 12.87 -13.32 1.48
C ARG G 54 12.14 -13.38 2.81
N ALA G 55 12.82 -13.88 3.84
CA ALA G 55 12.24 -14.00 5.16
C ALA G 55 12.31 -12.68 5.93
N SER G 56 11.26 -12.45 6.73
CA SER G 56 11.16 -11.23 7.52
C SER G 56 12.46 -10.92 8.24
N GLY G 57 12.79 -9.63 8.27
CA GLY G 57 14.04 -9.16 8.83
C GLY G 57 15.17 -9.02 7.84
N PHE G 58 14.92 -9.27 6.57
CA PHE G 58 15.92 -9.06 5.53
C PHE G 58 15.35 -8.09 4.49
N PRO G 59 15.98 -6.96 4.26
CA PRO G 59 15.43 -5.99 3.31
C PRO G 59 15.45 -6.45 1.86
N ALA G 60 14.72 -5.71 1.01
CA ALA G 60 14.53 -5.99 -0.41
C ALA G 60 15.84 -6.05 -1.19
N ARG G 61 16.98 -5.80 -0.55
CA ARG G 61 18.24 -5.87 -1.26
C ARG G 61 18.57 -7.29 -1.68
N PHE G 62 18.11 -8.27 -0.91
CA PHE G 62 18.43 -9.67 -1.15
C PHE G 62 17.36 -10.26 -2.06
N SER G 63 17.77 -10.76 -3.22
CA SER G 63 16.86 -11.40 -4.16
C SER G 63 17.31 -12.83 -4.42
N GLY G 64 16.34 -13.73 -4.53
CA GLY G 64 16.60 -15.15 -4.73
C GLY G 64 16.10 -15.57 -6.09
N SER G 65 17.03 -16.04 -6.93
CA SER G 65 16.71 -16.50 -8.27
C SER G 65 17.07 -17.97 -8.39
N GLY G 66 16.55 -18.60 -9.43
CA GLY G 66 16.87 -19.99 -9.70
C GLY G 66 15.64 -20.88 -9.76
N SER G 67 15.87 -22.04 -10.37
CA SER G 67 14.84 -23.06 -10.51
C SER G 67 15.48 -24.36 -10.98
N GLY G 68 14.89 -25.47 -10.55
CA GLY G 68 15.39 -26.79 -10.93
C GLY G 68 16.73 -27.17 -10.36
N THR G 69 17.80 -26.76 -10.99
CA THR G 69 19.12 -27.14 -10.52
C THR G 69 19.99 -25.97 -10.11
N GLU G 70 19.95 -24.86 -10.85
CA GLU G 70 20.76 -23.70 -10.54
C GLU G 70 19.94 -22.63 -9.83
N PHE G 71 20.48 -22.18 -8.70
CA PHE G 71 19.88 -21.16 -7.87
C PHE G 71 20.98 -20.17 -7.54
N THR G 72 20.64 -18.89 -7.56
CA THR G 72 21.65 -17.87 -7.27
C THR G 72 21.05 -16.78 -6.39
N LEU G 73 21.83 -16.37 -5.40
CA LEU G 73 21.44 -15.32 -4.47
C LEU G 73 22.10 -14.05 -4.95
N THR G 74 21.34 -12.96 -5.02
CA THR G 74 21.88 -11.69 -5.48
C THR G 74 21.68 -10.69 -4.36
N ILE G 75 22.76 -10.03 -3.97
CA ILE G 75 22.75 -9.07 -2.88
C ILE G 75 23.19 -7.73 -3.46
N THR G 76 22.29 -6.75 -3.46
CA THR G 76 22.58 -5.42 -3.99
C THR G 76 22.96 -4.44 -2.88
N SER G 77 23.55 -3.30 -3.28
CA SER G 77 23.99 -2.23 -2.37
C SER G 77 24.44 -2.78 -1.02
N LEU G 78 25.40 -3.69 -1.09
CA LEU G 78 25.88 -4.43 0.06
C LEU G 78 26.35 -3.44 1.14
N GLN G 79 25.58 -3.23 2.21
CA GLN G 79 26.05 -2.42 3.34
C GLN G 79 26.84 -3.24 4.36
N SER G 80 27.44 -2.53 5.32
CA SER G 80 28.31 -3.13 6.31
C SER G 80 27.68 -4.33 7.01
N GLU G 81 26.38 -4.26 7.28
CA GLU G 81 25.60 -5.29 7.96
C GLU G 81 25.24 -6.47 7.07
N ASP G 82 25.73 -6.50 5.83
CA ASP G 82 25.44 -7.60 4.91
C ASP G 82 26.58 -8.60 4.75
N PHE G 83 27.77 -8.33 5.27
CA PHE G 83 28.91 -9.22 5.13
C PHE G 83 28.85 -10.35 6.16
N ALA G 84 28.55 -11.56 5.69
CA ALA G 84 28.39 -12.75 6.52
C ALA G 84 28.52 -13.96 5.63
N VAL G 85 28.26 -15.16 6.16
CA VAL G 85 28.33 -16.40 5.37
C VAL G 85 26.93 -16.86 5.03
N TYR G 86 26.70 -17.20 3.76
CA TYR G 86 25.39 -17.62 3.29
C TYR G 86 25.42 -19.07 2.85
N TYR G 87 24.50 -19.86 3.40
CA TYR G 87 24.35 -21.28 3.08
C TYR G 87 23.05 -21.48 2.34
N CYS G 88 23.05 -22.42 1.39
CA CYS G 88 21.87 -22.80 0.65
C CYS G 88 21.54 -24.24 1.01
N GLN G 89 20.26 -24.54 1.17
CA GLN G 89 19.84 -25.89 1.53
C GLN G 89 18.57 -26.32 0.81
N GLN G 90 18.53 -27.60 0.50
CA GLN G 90 17.43 -28.24 -0.19
C GLN G 90 16.56 -28.96 0.83
N TYR G 91 15.24 -28.87 0.67
CA TYR G 91 14.33 -29.55 1.58
C TYR G 91 13.40 -30.48 0.79
N ASN G 92 13.88 -30.98 -0.35
CA ASN G 92 13.11 -31.88 -1.20
C ASN G 92 13.37 -33.35 -0.88
N ASP G 93 14.63 -33.76 -0.77
CA ASP G 93 14.99 -35.11 -0.35
C ASP G 93 15.26 -34.95 1.13
N TRP G 94 14.51 -35.68 1.93
CA TRP G 94 14.57 -35.41 3.36
C TRP G 94 15.85 -35.94 4.03
N PRO G 95 15.85 -37.09 4.70
CA PRO G 95 17.09 -37.53 5.35
C PRO G 95 18.18 -37.74 4.32
N PRO G 96 19.23 -36.92 4.33
CA PRO G 96 19.51 -35.77 5.18
C PRO G 96 19.38 -34.44 4.46
N TRP G 97 18.98 -33.43 5.22
CA TRP G 97 18.88 -32.08 4.68
C TRP G 97 20.30 -31.64 4.41
N THR G 98 20.66 -31.44 3.15
CA THR G 98 22.05 -31.20 2.82
C THR G 98 22.30 -29.73 2.55
N PHE G 99 23.39 -29.22 3.10
CA PHE G 99 23.83 -27.85 2.92
C PHE G 99 25.10 -27.82 2.09
N GLY G 100 25.38 -26.67 1.50
CA GLY G 100 26.61 -26.46 0.77
C GLY G 100 27.69 -26.02 1.71
N GLN G 101 28.92 -25.89 1.19
CA GLN G 101 29.97 -25.44 2.09
C GLN G 101 29.87 -23.95 2.38
N GLY G 102 28.92 -23.25 1.78
CA GLY G 102 28.75 -21.85 2.10
C GLY G 102 29.71 -20.95 1.37
N THR G 103 29.36 -19.67 1.28
CA THR G 103 30.24 -18.69 0.66
C THR G 103 30.35 -17.46 1.55
N LYS G 104 31.58 -17.01 1.75
CA LYS G 104 31.85 -15.85 2.59
C LYS G 104 31.93 -14.62 1.70
N VAL G 105 31.25 -13.55 2.11
CA VAL G 105 31.22 -12.30 1.37
C VAL G 105 32.05 -11.29 2.17
N GLU G 106 33.23 -10.96 1.68
CA GLU G 106 34.17 -10.08 2.36
C GLU G 106 34.36 -8.77 1.60
N ILE G 107 34.66 -7.73 2.38
CA ILE G 107 34.83 -6.37 1.85
C ILE G 107 36.07 -6.27 0.95
N LYS G 108 35.87 -5.68 -0.21
CA LYS G 108 36.94 -5.42 -1.17
C LYS G 108 37.56 -4.03 -0.95
#